data_6EWO
#
_entry.id   6EWO
#
_cell.length_a   116.300
_cell.length_b   116.300
_cell.length_c   192.600
_cell.angle_alpha   90.000
_cell.angle_beta   90.000
_cell.angle_gamma   120.000
#
_symmetry.space_group_name_H-M   'P 32 2 1'
#
loop_
_entity.id
_entity.type
_entity.pdbx_description
1 polymer 'HLA class I histocompatibility antigen, A-2 alpha chain'
2 polymer Beta-2-microglobulin
3 polymer Synemin
4 polymer LIR-1
5 water water
#
loop_
_entity_poly.entity_id
_entity_poly.type
_entity_poly.pdbx_seq_one_letter_code
_entity_poly.pdbx_strand_id
1 'polypeptide(L)'
;GSHSMRYFFTSVSRPGRGEPRFIAVGYVDDTQFVRFDSDAASQRMEPRAPWIEQEGPEYWDGETRKVKAHSQTHRVDLGT
LRGYYNQSEAGSHTVQRMYGCDVGSDWRFLRGYHQYAYDGKDYIALKEDLRSWTAADMAAQTTKHKWEAAHVAEQLRAYL
EGTCVEWLRRYLENGKETLQRTDAPKTHMTHHAVSDHEATLRCWALSFYPAEITLTWQRDGEDQTQDTELVETRPAGDGT
FQKWAAVVVPSGQEQRYTCHVQHEGLPKPLTLRWEP
;
A,E
2 'polypeptide(L)'
;IQRTPKIQVYSRHPAENGKSNFLNCYVSGFHPSDIEVDLLKNGERIEKVEHSDLSFSKDWSFYLLYYTEFTPTEKDEYAC
RVNHVTLSQPKIVKWDRDM
;
B,F
3 'polypeptide(L)' RTFSPTYGL C,G
4 'polypeptide(L)'
;PKPTLWAEPGSVITQGSPVTLRCQGGQETQEYRLYREKKTAPWITRIPQELVKKGQFPIPSITWEHAGRYRCYYGSDTAG
RSESSDPLELVVTGAYIKPTLSAQPSPVVNSGGNVTLQCDSQVAFDGFILCKEGEDEHPQCLNSQPHARGSSRAIFSVGP
VSPSRRWWYRCYAYDSNSPYEWSLPSDLLELLVLG
;
D,H
#
# COMPACT_ATOMS: atom_id res chain seq x y z
N GLY A 1 -40.58 -6.76 -9.76
CA GLY A 1 -40.81 -8.23 -9.93
C GLY A 1 -41.08 -8.93 -8.61
N SER A 2 -40.75 -10.22 -8.56
CA SER A 2 -40.87 -11.02 -7.35
C SER A 2 -39.90 -10.56 -6.27
N HIS A 3 -40.26 -10.78 -5.01
CA HIS A 3 -39.43 -10.43 -3.86
C HIS A 3 -39.54 -11.50 -2.78
N SER A 4 -38.66 -11.42 -1.79
CA SER A 4 -38.62 -12.39 -0.72
C SER A 4 -38.06 -11.81 0.57
N MET A 5 -38.50 -12.36 1.71
CA MET A 5 -37.86 -12.14 3.02
C MET A 5 -37.47 -13.50 3.54
N ARG A 6 -36.26 -13.62 4.08
CA ARG A 6 -35.76 -14.88 4.59
C ARG A 6 -34.89 -14.62 5.82
N TYR A 7 -35.02 -15.51 6.79
CA TYR A 7 -34.26 -15.48 8.04
C TYR A 7 -33.51 -16.80 8.15
N PHE A 8 -32.22 -16.73 8.43
CA PHE A 8 -31.36 -17.89 8.52
C PHE A 8 -30.83 -17.92 9.93
N PHE A 9 -30.85 -19.10 10.56
CA PHE A 9 -30.40 -19.30 11.94
C PHE A 9 -29.42 -20.46 12.00
N THR A 10 -28.30 -20.27 12.66
CA THR A 10 -27.30 -21.31 12.89
C THR A 10 -26.94 -21.35 14.37
N SER A 11 -26.92 -22.55 14.92
CA SER A 11 -26.52 -22.79 16.29
C SER A 11 -25.48 -23.90 16.30
N VAL A 12 -24.29 -23.61 16.85
CA VAL A 12 -23.16 -24.52 16.81
C VAL A 12 -22.72 -24.82 18.25
N SER A 13 -22.74 -26.11 18.62
CA SER A 13 -22.33 -26.52 19.96
C SER A 13 -20.81 -26.44 20.07
N ARG A 14 -20.33 -26.20 21.29
CA ARG A 14 -18.93 -26.02 21.58
C ARG A 14 -18.59 -26.78 22.87
N PRO A 15 -18.42 -28.12 22.76
CA PRO A 15 -18.11 -28.99 23.90
C PRO A 15 -16.95 -28.48 24.74
N GLY A 16 -17.17 -28.41 26.06
CA GLY A 16 -16.15 -27.96 27.02
C GLY A 16 -15.90 -26.46 27.11
N ARG A 17 -16.55 -25.67 26.24
CA ARG A 17 -16.29 -24.24 26.18
C ARG A 17 -17.57 -23.41 26.25
N GLY A 18 -18.51 -23.83 27.08
CA GLY A 18 -19.74 -23.09 27.30
C GLY A 18 -20.77 -23.21 26.20
N GLU A 19 -21.73 -22.30 26.23
CA GLU A 19 -22.94 -22.36 25.41
C GLU A 19 -22.71 -22.32 23.87
N PRO A 20 -23.70 -22.81 23.10
CA PRO A 20 -23.56 -22.75 21.65
C PRO A 20 -23.49 -21.34 21.06
N ARG A 21 -22.74 -21.23 19.96
CA ARG A 21 -22.63 -20.01 19.18
C ARG A 21 -23.88 -19.94 18.33
N PHE A 22 -24.69 -18.90 18.55
CA PHE A 22 -25.90 -18.68 17.78
C PHE A 22 -25.72 -17.45 16.89
N ILE A 23 -26.08 -17.59 15.61
CA ILE A 23 -25.99 -16.51 14.64
C ILE A 23 -27.24 -16.53 13.76
N ALA A 24 -27.89 -15.37 13.68
CA ALA A 24 -29.09 -15.15 12.89
C ALA A 24 -28.84 -13.99 11.94
N VAL A 25 -29.34 -14.09 10.72
CA VAL A 25 -29.30 -12.98 9.76
C VAL A 25 -30.63 -12.90 9.03
N GLY A 26 -31.06 -11.69 8.69
CA GLY A 26 -32.27 -11.47 7.88
C GLY A 26 -31.91 -10.86 6.53
N TYR A 27 -32.61 -11.30 5.49
CA TYR A 27 -32.44 -10.80 4.12
C TYR A 27 -33.80 -10.41 3.55
N VAL A 28 -33.80 -9.32 2.79
CA VAL A 28 -34.82 -9.08 1.77
C VAL A 28 -34.07 -9.23 0.43
N ASP A 29 -34.55 -10.12 -0.43
CA ASP A 29 -33.86 -10.47 -1.68
C ASP A 29 -32.39 -10.78 -1.39
N ASP A 30 -31.44 -10.12 -2.08
CA ASP A 30 -30.01 -10.37 -1.86
C ASP A 30 -29.34 -9.35 -0.95
N THR A 31 -30.13 -8.63 -0.15
CA THR A 31 -29.63 -7.59 0.74
C THR A 31 -29.90 -7.98 2.18
N GLN A 32 -28.84 -8.04 2.98
CA GLN A 32 -28.94 -8.34 4.41
C GLN A 32 -29.39 -7.10 5.15
N PHE A 33 -30.34 -7.26 6.09
CA PHE A 33 -30.81 -6.10 6.89
C PHE A 33 -30.67 -6.21 8.42
N VAL A 34 -30.62 -7.43 8.98
CA VAL A 34 -30.40 -7.59 10.42
C VAL A 34 -29.46 -8.72 10.74
N ARG A 35 -28.90 -8.67 11.95
CA ARG A 35 -28.12 -9.78 12.45
C ARG A 35 -28.09 -9.86 13.96
N PHE A 36 -27.84 -11.08 14.43
CA PHE A 36 -27.61 -11.36 15.84
C PHE A 36 -26.50 -12.38 15.92
N ASP A 37 -25.55 -12.11 16.82
CA ASP A 37 -24.41 -12.98 17.11
C ASP A 37 -24.33 -13.07 18.64
N SER A 38 -24.43 -14.28 19.17
CA SER A 38 -24.43 -14.50 20.62
C SER A 38 -23.10 -14.17 21.30
N ASP A 39 -22.00 -14.18 20.56
CA ASP A 39 -20.68 -13.84 21.09
C ASP A 39 -20.33 -12.34 21.07
N ALA A 40 -21.12 -11.51 20.38
CA ALA A 40 -20.90 -10.06 20.39
C ALA A 40 -21.25 -9.47 21.75
N ALA A 41 -20.56 -8.38 22.12
CA ALA A 41 -20.81 -7.70 23.40
C ALA A 41 -22.20 -7.06 23.45
N SER A 42 -22.67 -6.59 22.29
CA SER A 42 -24.01 -6.02 22.08
C SER A 42 -25.14 -6.78 22.78
N GLN A 43 -25.26 -8.07 22.48
CA GLN A 43 -26.38 -8.92 22.89
C GLN A 43 -27.73 -8.40 22.38
N ARG A 44 -27.75 -7.92 21.14
CA ARG A 44 -28.96 -7.38 20.51
C ARG A 44 -29.02 -7.69 19.03
N MET A 45 -30.24 -7.72 18.50
CA MET A 45 -30.45 -7.71 17.07
C MET A 45 -29.95 -6.37 16.58
N GLU A 46 -29.13 -6.36 15.52
CA GLU A 46 -28.47 -5.15 15.03
C GLU A 46 -28.87 -4.85 13.60
N PRO A 47 -28.94 -3.55 13.22
CA PRO A 47 -29.22 -3.17 11.84
C PRO A 47 -27.99 -3.40 10.97
N ARG A 48 -28.23 -3.84 9.73
CA ARG A 48 -27.18 -4.05 8.74
C ARG A 48 -27.61 -3.49 7.36
N ALA A 49 -28.50 -2.51 7.38
CA ALA A 49 -28.86 -1.72 6.20
C ALA A 49 -29.29 -0.34 6.71
N PRO A 50 -29.19 0.71 5.87
CA PRO A 50 -29.63 2.05 6.29
C PRO A 50 -31.15 2.15 6.50
N TRP A 51 -31.92 1.60 5.57
CA TRP A 51 -33.38 1.59 5.62
C TRP A 51 -34.04 0.91 6.83
N ILE A 52 -33.34 -0.03 7.50
CA ILE A 52 -33.90 -0.64 8.72
C ILE A 52 -33.66 0.26 9.94
N GLU A 53 -32.65 1.14 9.88
CA GLU A 53 -32.40 2.11 10.95
C GLU A 53 -33.51 3.15 11.15
N GLN A 54 -34.46 3.22 10.21
CA GLN A 54 -35.72 3.96 10.42
C GLN A 54 -36.59 3.42 11.56
N GLU A 55 -36.40 2.15 11.94
CA GLU A 55 -37.19 1.53 13.01
C GLU A 55 -36.77 2.07 14.35
N GLY A 56 -37.75 2.26 15.23
CA GLY A 56 -37.52 2.85 16.54
C GLY A 56 -37.07 1.83 17.59
N PRO A 57 -36.82 2.30 18.83
CA PRO A 57 -36.39 1.45 19.95
C PRO A 57 -37.24 0.17 20.18
N GLU A 58 -38.55 0.21 19.87
CA GLU A 58 -39.46 -0.94 20.07
C GLU A 58 -39.17 -2.13 19.18
N TYR A 59 -38.86 -1.86 17.91
CA TYR A 59 -38.40 -2.87 16.95
C TYR A 59 -37.15 -3.58 17.50
N TRP A 60 -36.15 -2.80 17.89
CA TRP A 60 -34.89 -3.37 18.38
C TRP A 60 -35.01 -4.11 19.72
N ASP A 61 -35.93 -3.67 20.58
CA ASP A 61 -36.20 -4.39 21.83
C ASP A 61 -36.91 -5.73 21.55
N GLY A 62 -37.92 -5.71 20.68
CA GLY A 62 -38.74 -6.90 20.41
C GLY A 62 -38.02 -7.96 19.60
N GLU A 63 -37.26 -7.53 18.59
CA GLU A 63 -36.50 -8.47 17.76
C GLU A 63 -35.37 -9.12 18.57
N THR A 64 -34.71 -8.34 19.40
CA THR A 64 -33.75 -8.85 20.38
C THR A 64 -34.39 -9.85 21.35
N ARG A 65 -35.56 -9.53 21.89
CA ARG A 65 -36.32 -10.50 22.67
C ARG A 65 -36.54 -11.83 21.93
N LYS A 66 -37.15 -11.77 20.75
CA LYS A 66 -37.52 -12.95 19.94
C LYS A 66 -36.32 -13.78 19.51
N VAL A 67 -35.26 -13.13 19.03
CA VAL A 67 -34.09 -13.87 18.53
C VAL A 67 -33.33 -14.55 19.69
N LYS A 68 -33.34 -13.93 20.87
CA LYS A 68 -32.82 -14.55 22.09
C LYS A 68 -33.65 -15.78 22.48
N ALA A 69 -34.97 -15.65 22.38
CA ALA A 69 -35.85 -16.78 22.64
C ALA A 69 -35.55 -17.92 21.66
N HIS A 70 -35.36 -17.60 20.38
CA HIS A 70 -34.97 -18.61 19.38
C HIS A 70 -33.61 -19.20 19.66
N SER A 71 -32.65 -18.36 20.05
CA SER A 71 -31.36 -18.86 20.49
C SER A 71 -31.52 -19.98 21.53
N GLN A 72 -32.34 -19.71 22.55
CA GLN A 72 -32.55 -20.67 23.64
C GLN A 72 -33.20 -21.99 23.16
N THR A 73 -34.19 -21.88 22.28
CA THR A 73 -34.83 -23.04 21.66
C THR A 73 -33.85 -23.94 20.90
N HIS A 74 -32.95 -23.35 20.10
CA HIS A 74 -32.02 -24.14 19.29
C HIS A 74 -30.90 -24.73 20.14
N ARG A 75 -30.59 -24.06 21.26
CA ARG A 75 -29.68 -24.61 22.26
C ARG A 75 -30.17 -25.95 22.84
N VAL A 76 -31.47 -26.01 23.14
CA VAL A 76 -32.14 -27.23 23.58
C VAL A 76 -32.25 -28.26 22.45
N ASP A 77 -32.64 -27.80 21.25
CA ASP A 77 -32.67 -28.66 20.06
C ASP A 77 -31.34 -29.39 19.84
N LEU A 78 -30.21 -28.73 20.08
CA LEU A 78 -28.91 -29.39 19.97
C LEU A 78 -28.84 -30.62 20.87
N GLY A 79 -29.13 -30.45 22.16
CA GLY A 79 -29.20 -31.58 23.10
C GLY A 79 -30.17 -32.66 22.66
N THR A 80 -31.35 -32.26 22.20
CA THR A 80 -32.36 -33.18 21.70
C THR A 80 -31.88 -34.00 20.53
N LEU A 81 -31.29 -33.33 19.55
CA LEU A 81 -30.80 -34.00 18.34
C LEU A 81 -29.62 -34.92 18.62
N ARG A 82 -28.79 -34.57 19.59
CA ARG A 82 -27.66 -35.42 19.99
C ARG A 82 -28.17 -36.76 20.54
N GLY A 83 -29.25 -36.72 21.32
CA GLY A 83 -29.89 -37.92 21.81
C GLY A 83 -30.52 -38.76 20.72
N TYR A 84 -31.28 -38.11 19.83
CA TYR A 84 -31.96 -38.79 18.72
C TYR A 84 -31.03 -39.59 17.81
N TYR A 85 -29.79 -39.15 17.63
CA TYR A 85 -28.82 -39.84 16.77
C TYR A 85 -27.75 -40.57 17.57
N ASN A 86 -27.99 -40.78 18.87
CA ASN A 86 -27.07 -41.50 19.80
C ASN A 86 -25.60 -41.12 19.68
N GLN A 87 -25.34 -39.83 19.47
CA GLN A 87 -23.97 -39.35 19.27
C GLN A 87 -23.32 -39.09 20.61
N SER A 88 -21.99 -39.15 20.63
CA SER A 88 -21.20 -38.91 21.84
C SER A 88 -21.12 -37.41 22.18
N GLU A 89 -20.36 -37.07 23.23
CA GLU A 89 -20.16 -35.70 23.69
C GLU A 89 -18.89 -35.06 23.12
N ALA A 90 -18.06 -35.82 22.41
CA ALA A 90 -16.76 -35.34 21.95
C ALA A 90 -16.85 -34.23 20.90
N GLY A 91 -17.74 -34.41 19.92
CA GLY A 91 -17.82 -33.53 18.74
C GLY A 91 -18.77 -32.33 18.79
N SER A 92 -18.47 -31.35 17.96
CA SER A 92 -19.34 -30.20 17.74
C SER A 92 -20.40 -30.56 16.70
N HIS A 93 -21.59 -29.97 16.87
CA HIS A 93 -22.76 -30.24 16.04
C HIS A 93 -23.51 -28.94 15.75
N THR A 94 -24.33 -28.97 14.72
CA THR A 94 -24.93 -27.77 14.17
C THR A 94 -26.38 -27.96 13.87
N VAL A 95 -27.23 -27.09 14.44
CA VAL A 95 -28.62 -26.95 13.99
C VAL A 95 -28.74 -25.67 13.16
N GLN A 96 -29.43 -25.80 12.02
CA GLN A 96 -29.73 -24.67 11.15
C GLN A 96 -31.22 -24.60 10.90
N ARG A 97 -31.73 -23.38 10.74
CA ARG A 97 -33.13 -23.14 10.42
C ARG A 97 -33.26 -21.99 9.41
N MET A 98 -34.18 -22.16 8.46
CA MET A 98 -34.51 -21.12 7.50
C MET A 98 -36.02 -20.99 7.36
N TYR A 99 -36.52 -19.76 7.28
CA TYR A 99 -37.90 -19.53 6.85
C TYR A 99 -38.09 -18.17 6.22
N GLY A 100 -39.21 -18.03 5.51
CA GLY A 100 -39.58 -16.75 4.93
C GLY A 100 -40.64 -16.76 3.84
N CYS A 101 -40.91 -15.60 3.28
CA CYS A 101 -42.05 -15.41 2.39
C CYS A 101 -41.61 -14.82 1.05
N ASP A 102 -42.19 -15.35 -0.02
CA ASP A 102 -42.06 -14.80 -1.37
C ASP A 102 -43.35 -14.11 -1.77
N VAL A 103 -43.24 -12.88 -2.27
CA VAL A 103 -44.37 -12.24 -2.95
C VAL A 103 -44.10 -12.23 -4.46
N GLY A 104 -45.16 -12.33 -5.25
CA GLY A 104 -45.03 -12.28 -6.71
C GLY A 104 -44.83 -10.89 -7.24
N SER A 105 -45.07 -10.71 -8.53
CA SER A 105 -45.01 -9.39 -9.19
C SER A 105 -45.98 -8.39 -8.57
N ASP A 106 -47.18 -8.87 -8.26
CA ASP A 106 -48.25 -8.07 -7.63
C ASP A 106 -48.03 -7.62 -6.17
N TRP A 107 -46.98 -8.12 -5.50
CA TRP A 107 -46.72 -7.90 -4.06
C TRP A 107 -47.68 -8.62 -3.09
N ARG A 108 -48.46 -9.55 -3.63
CA ARG A 108 -49.32 -10.42 -2.82
C ARG A 108 -48.64 -11.77 -2.60
N PHE A 109 -48.80 -12.32 -1.41
CA PHE A 109 -48.17 -13.59 -1.03
C PHE A 109 -48.15 -14.57 -2.21
N LEU A 110 -47.00 -15.22 -2.42
CA LEU A 110 -46.85 -16.27 -3.43
C LEU A 110 -46.48 -17.62 -2.81
N ARG A 111 -45.50 -17.62 -1.89
CA ARG A 111 -44.97 -18.85 -1.30
C ARG A 111 -44.45 -18.61 0.11
N GLY A 112 -44.44 -19.67 0.90
CA GLY A 112 -43.84 -19.68 2.23
C GLY A 112 -43.03 -20.95 2.41
N TYR A 113 -42.03 -20.91 3.29
CA TYR A 113 -41.17 -22.07 3.56
C TYR A 113 -40.60 -22.02 4.97
N HIS A 114 -40.19 -23.18 5.49
CA HIS A 114 -39.76 -23.30 6.89
C HIS A 114 -39.13 -24.66 7.12
N GLN A 115 -37.80 -24.70 7.21
CA GLN A 115 -37.04 -25.94 7.16
C GLN A 115 -35.95 -25.93 8.22
N TYR A 116 -35.54 -27.12 8.68
CA TYR A 116 -34.36 -27.30 9.54
C TYR A 116 -33.35 -28.24 8.88
N ALA A 117 -32.10 -28.13 9.33
CA ALA A 117 -31.07 -29.10 9.04
C ALA A 117 -30.33 -29.43 10.33
N TYR A 118 -29.74 -30.62 10.35
CA TYR A 118 -28.84 -31.04 11.40
C TYR A 118 -27.54 -31.55 10.80
N ASP A 119 -26.42 -30.97 11.23
CA ASP A 119 -25.08 -31.34 10.72
C ASP A 119 -24.98 -31.35 9.18
N GLY A 120 -25.71 -30.43 8.52
CA GLY A 120 -25.64 -30.24 7.07
C GLY A 120 -26.78 -30.84 6.26
N LYS A 121 -27.31 -31.96 6.72
CA LYS A 121 -28.35 -32.70 6.00
C LYS A 121 -29.72 -32.15 6.35
N ASP A 122 -30.67 -32.29 5.44
CA ASP A 122 -32.06 -31.93 5.70
C ASP A 122 -32.65 -32.71 6.91
N TYR A 123 -33.47 -32.04 7.72
CA TYR A 123 -34.11 -32.66 8.88
C TYR A 123 -35.63 -32.63 8.75
N ILE A 124 -36.23 -31.45 8.81
CA ILE A 124 -37.68 -31.35 8.57
C ILE A 124 -38.01 -30.09 7.81
N ALA A 125 -38.97 -30.19 6.90
CA ALA A 125 -39.41 -29.07 6.07
C ALA A 125 -40.91 -28.92 6.15
N LEU A 126 -41.39 -27.69 6.27
CA LEU A 126 -42.81 -27.40 6.06
C LEU A 126 -43.04 -27.57 4.56
N LYS A 127 -44.08 -28.32 4.20
CA LYS A 127 -44.45 -28.56 2.81
C LYS A 127 -45.17 -27.31 2.28
N GLU A 128 -45.33 -27.20 0.97
CA GLU A 128 -45.76 -25.94 0.34
C GLU A 128 -47.21 -25.50 0.63
N ASP A 129 -48.07 -26.43 1.04
CA ASP A 129 -49.42 -26.09 1.50
C ASP A 129 -49.46 -25.30 2.82
N LEU A 130 -48.34 -25.26 3.55
CA LEU A 130 -48.25 -24.61 4.88
C LEU A 130 -49.18 -25.25 5.92
N ARG A 131 -49.48 -26.54 5.73
CA ARG A 131 -50.38 -27.31 6.59
C ARG A 131 -49.93 -28.75 6.90
N SER A 132 -48.88 -29.23 6.22
CA SER A 132 -48.28 -30.54 6.48
C SER A 132 -46.76 -30.42 6.43
N TRP A 133 -46.08 -31.44 6.94
CA TRP A 133 -44.62 -31.45 7.03
C TRP A 133 -44.05 -32.59 6.23
N THR A 134 -42.85 -32.38 5.68
CA THR A 134 -42.07 -33.44 5.10
C THR A 134 -40.95 -33.73 6.08
N ALA A 135 -41.05 -34.88 6.74
CA ALA A 135 -39.94 -35.43 7.50
C ALA A 135 -38.92 -35.95 6.51
N ALA A 136 -37.64 -35.63 6.72
CA ALA A 136 -36.56 -36.09 5.85
C ALA A 136 -36.26 -37.56 6.12
N ASP A 137 -36.08 -37.89 7.40
CA ASP A 137 -35.82 -39.25 7.87
C ASP A 137 -36.89 -39.61 8.93
N MET A 138 -36.65 -40.67 9.69
CA MET A 138 -37.61 -41.12 10.70
C MET A 138 -37.64 -40.21 11.91
N ALA A 139 -36.49 -40.06 12.57
CA ALA A 139 -36.40 -39.24 13.79
C ALA A 139 -37.19 -37.92 13.69
N ALA A 140 -37.19 -37.32 12.50
CA ALA A 140 -37.99 -36.12 12.21
C ALA A 140 -39.51 -36.34 12.22
N GLN A 141 -39.94 -37.58 11.95
CA GLN A 141 -41.38 -37.92 12.01
C GLN A 141 -41.94 -37.80 13.44
N THR A 142 -41.09 -37.99 14.44
CA THR A 142 -41.41 -37.63 15.84
C THR A 142 -41.88 -36.16 15.86
N THR A 143 -40.97 -35.28 15.42
CA THR A 143 -41.21 -33.83 15.36
C THR A 143 -42.44 -33.49 14.51
N LYS A 144 -42.66 -34.25 13.44
CA LYS A 144 -43.82 -34.09 12.58
C LYS A 144 -45.14 -34.25 13.35
N HIS A 145 -45.26 -35.34 14.11
CA HIS A 145 -46.50 -35.67 14.84
C HIS A 145 -46.78 -34.69 16.00
N LYS A 146 -45.75 -34.31 16.74
CA LYS A 146 -45.92 -33.35 17.82
C LYS A 146 -46.42 -32.01 17.28
N TRP A 147 -45.69 -31.48 16.31
CA TRP A 147 -46.03 -30.19 15.67
C TRP A 147 -47.39 -30.19 14.95
N GLU A 148 -47.81 -31.36 14.47
CA GLU A 148 -49.13 -31.55 13.83
C GLU A 148 -50.26 -31.44 14.86
N ALA A 149 -50.05 -32.09 16.01
CA ALA A 149 -51.01 -32.09 17.12
C ALA A 149 -51.06 -30.74 17.83
N ALA A 150 -49.89 -30.10 17.99
CA ALA A 150 -49.81 -28.76 18.59
C ALA A 150 -50.21 -27.61 17.65
N HIS A 151 -50.57 -27.92 16.40
CA HIS A 151 -50.99 -26.93 15.39
C HIS A 151 -49.88 -25.88 15.14
N VAL A 152 -48.66 -26.38 14.86
CA VAL A 152 -47.50 -25.52 14.63
C VAL A 152 -47.54 -24.90 13.23
N ALA A 153 -47.97 -25.66 12.24
CA ALA A 153 -48.05 -25.17 10.86
C ALA A 153 -49.04 -24.02 10.74
N GLU A 154 -50.22 -24.19 11.31
CA GLU A 154 -51.26 -23.17 11.26
C GLU A 154 -50.68 -21.78 11.56
N GLN A 155 -50.23 -21.59 12.80
CA GLN A 155 -49.67 -20.32 13.21
C GLN A 155 -48.50 -19.90 12.32
N LEU A 156 -47.80 -20.89 11.77
CA LEU A 156 -46.66 -20.61 10.89
C LEU A 156 -47.22 -19.96 9.62
N ARG A 157 -48.28 -20.56 9.07
CA ARG A 157 -49.07 -19.98 7.98
C ARG A 157 -49.57 -18.56 8.27
N ALA A 158 -50.08 -18.32 9.47
CA ALA A 158 -50.57 -16.98 9.86
C ALA A 158 -49.46 -15.93 9.82
N TYR A 159 -48.25 -16.29 10.25
CA TYR A 159 -47.07 -15.43 10.08
C TYR A 159 -46.66 -15.32 8.62
N LEU A 160 -46.47 -16.46 7.96
CA LEU A 160 -46.06 -16.50 6.57
C LEU A 160 -46.92 -15.61 5.69
N GLU A 161 -48.24 -15.76 5.79
CA GLU A 161 -49.16 -14.98 4.96
C GLU A 161 -49.57 -13.64 5.57
N GLY A 162 -49.16 -13.37 6.80
CA GLY A 162 -49.53 -12.16 7.50
C GLY A 162 -48.32 -11.30 7.70
N THR A 163 -47.82 -11.28 8.95
CA THR A 163 -46.69 -10.47 9.38
C THR A 163 -45.48 -10.50 8.42
N CYS A 164 -45.20 -11.67 7.85
CA CYS A 164 -44.07 -11.84 6.94
C CYS A 164 -44.18 -10.95 5.69
N VAL A 165 -45.21 -11.17 4.87
CA VAL A 165 -45.39 -10.37 3.65
C VAL A 165 -45.67 -8.90 3.94
N GLU A 166 -46.39 -8.62 5.03
CA GLU A 166 -46.76 -7.25 5.38
C GLU A 166 -45.54 -6.42 5.75
N TRP A 167 -44.60 -7.00 6.51
CA TRP A 167 -43.36 -6.30 6.84
C TRP A 167 -42.37 -6.26 5.67
N LEU A 168 -42.41 -7.28 4.80
CA LEU A 168 -41.63 -7.28 3.57
C LEU A 168 -42.00 -6.04 2.75
N ARG A 169 -43.30 -5.85 2.54
CA ARG A 169 -43.81 -4.67 1.81
C ARG A 169 -43.41 -3.35 2.46
N ARG A 170 -43.43 -3.28 3.79
CA ARG A 170 -42.94 -2.10 4.52
C ARG A 170 -41.45 -1.88 4.28
N TYR A 171 -40.67 -2.95 4.29
CA TYR A 171 -39.24 -2.87 4.04
C TYR A 171 -38.98 -2.50 2.59
N LEU A 172 -39.80 -3.03 1.68
CA LEU A 172 -39.67 -2.73 0.26
C LEU A 172 -39.88 -1.24 0.02
N GLU A 173 -40.88 -0.67 0.69
CA GLU A 173 -41.17 0.76 0.56
C GLU A 173 -40.10 1.60 1.27
N ASN A 174 -39.73 1.22 2.49
CA ASN A 174 -38.72 1.96 3.27
C ASN A 174 -37.32 1.94 2.65
N GLY A 175 -36.96 0.83 2.02
CA GLY A 175 -35.68 0.71 1.32
C GLY A 175 -35.84 0.72 -0.19
N LYS A 176 -36.79 1.49 -0.70
CA LYS A 176 -37.06 1.55 -2.13
C LYS A 176 -35.79 1.62 -2.96
N GLU A 177 -34.99 2.67 -2.71
CA GLU A 177 -33.76 2.90 -3.47
C GLU A 177 -32.88 1.66 -3.56
N THR A 178 -32.82 0.89 -2.47
CA THR A 178 -31.96 -0.29 -2.42
C THR A 178 -32.62 -1.54 -3.03
N LEU A 179 -33.92 -1.71 -2.79
CA LEU A 179 -34.57 -2.99 -3.06
C LEU A 179 -35.43 -3.09 -4.32
N GLN A 180 -35.94 -1.96 -4.82
CA GLN A 180 -36.81 -1.98 -6.01
C GLN A 180 -36.05 -1.58 -7.28
N ARG A 181 -34.85 -1.03 -7.10
CA ARG A 181 -33.99 -0.60 -8.19
C ARG A 181 -32.85 -1.61 -8.36
N THR A 182 -32.32 -1.67 -9.58
CA THR A 182 -31.30 -2.63 -9.98
C THR A 182 -29.99 -1.94 -10.36
N ASP A 183 -28.88 -2.67 -10.25
CA ASP A 183 -27.60 -2.25 -10.81
C ASP A 183 -27.36 -3.12 -12.03
N ALA A 184 -27.26 -2.50 -13.21
CA ALA A 184 -26.96 -3.25 -14.45
C ALA A 184 -25.51 -3.76 -14.41
N PRO A 185 -25.25 -4.95 -14.97
CA PRO A 185 -23.86 -5.42 -15.04
C PRO A 185 -22.97 -4.53 -15.91
N LYS A 186 -21.79 -4.24 -15.38
CA LYS A 186 -20.70 -3.66 -16.16
C LYS A 186 -19.91 -4.83 -16.74
N THR A 187 -19.88 -4.92 -18.06
CA THR A 187 -19.30 -6.06 -18.75
C THR A 187 -18.07 -5.74 -19.61
N HIS A 188 -17.15 -6.71 -19.68
CA HIS A 188 -15.98 -6.67 -20.56
C HIS A 188 -15.39 -8.08 -20.76
N MET A 189 -14.44 -8.18 -21.69
CA MET A 189 -13.74 -9.42 -21.99
C MET A 189 -12.24 -9.28 -21.86
N THR A 190 -11.59 -10.33 -21.38
CA THR A 190 -10.14 -10.40 -21.29
C THR A 190 -9.68 -11.63 -22.04
N HIS A 191 -8.40 -11.63 -22.36
CA HIS A 191 -7.74 -12.65 -23.16
C HIS A 191 -6.45 -13.03 -22.48
N HIS A 192 -6.21 -14.33 -22.34
CA HIS A 192 -4.97 -14.87 -21.75
C HIS A 192 -4.48 -16.03 -22.58
N ALA A 193 -3.22 -15.95 -22.99
CA ALA A 193 -2.59 -17.03 -23.74
C ALA A 193 -2.31 -18.20 -22.80
N VAL A 194 -2.68 -19.40 -23.25
CA VAL A 194 -2.37 -20.66 -22.58
C VAL A 194 -1.13 -21.26 -23.22
N SER A 195 -1.18 -21.34 -24.55
CA SER A 195 -0.05 -21.78 -25.36
C SER A 195 -0.02 -20.93 -26.63
N ASP A 196 0.90 -21.25 -27.54
CA ASP A 196 0.95 -20.57 -28.84
C ASP A 196 -0.23 -20.90 -29.75
N HIS A 197 -0.96 -21.99 -29.48
CA HIS A 197 -2.17 -22.30 -30.26
C HIS A 197 -3.50 -22.30 -29.47
N GLU A 198 -3.47 -21.97 -28.17
CA GLU A 198 -4.70 -21.84 -27.37
C GLU A 198 -4.71 -20.63 -26.45
N ALA A 199 -5.90 -20.08 -26.23
CA ALA A 199 -6.09 -18.92 -25.36
C ALA A 199 -7.43 -18.96 -24.65
N THR A 200 -7.48 -18.35 -23.46
CA THR A 200 -8.71 -18.24 -22.67
C THR A 200 -9.38 -16.90 -22.96
N LEU A 201 -10.64 -16.93 -23.38
CA LEU A 201 -11.50 -15.75 -23.41
C LEU A 201 -12.36 -15.75 -22.14
N ARG A 202 -12.26 -14.70 -21.33
CA ARG A 202 -13.07 -14.56 -20.11
C ARG A 202 -14.05 -13.39 -20.24
N CYS A 203 -15.31 -13.64 -19.92
CA CYS A 203 -16.35 -12.61 -19.98
C CYS A 203 -16.74 -12.22 -18.58
N TRP A 204 -16.71 -10.93 -18.30
CA TRP A 204 -16.93 -10.42 -16.95
C TRP A 204 -18.26 -9.68 -16.85
N ALA A 205 -18.93 -9.85 -15.72
CA ALA A 205 -20.05 -8.99 -15.32
C ALA A 205 -19.74 -8.53 -13.91
N LEU A 206 -19.75 -7.22 -13.69
CA LEU A 206 -19.46 -6.64 -12.37
C LEU A 206 -20.51 -5.61 -11.94
N SER A 207 -20.48 -5.30 -10.65
CA SER A 207 -21.35 -4.31 -10.00
C SER A 207 -22.82 -4.47 -10.30
N PHE A 208 -23.30 -5.70 -10.43
CA PHE A 208 -24.72 -5.97 -10.71
C PHE A 208 -25.50 -6.35 -9.45
N TYR A 209 -26.80 -6.05 -9.49
CA TYR A 209 -27.75 -6.43 -8.45
C TYR A 209 -29.13 -6.53 -9.09
N PRO A 210 -29.92 -7.58 -8.86
CA PRO A 210 -29.63 -8.69 -7.92
C PRO A 210 -28.59 -9.70 -8.45
N ALA A 211 -28.33 -10.76 -7.67
CA ALA A 211 -27.28 -11.75 -7.99
C ALA A 211 -27.58 -12.62 -9.20
N GLU A 212 -28.87 -12.84 -9.46
CA GLU A 212 -29.31 -13.71 -10.53
C GLU A 212 -28.78 -13.18 -11.86
N ILE A 213 -28.08 -14.05 -12.60
CA ILE A 213 -27.46 -13.67 -13.87
C ILE A 213 -27.15 -14.92 -14.68
N THR A 214 -27.09 -14.77 -16.01
CA THR A 214 -26.64 -15.84 -16.92
C THR A 214 -25.56 -15.31 -17.86
N LEU A 215 -24.38 -15.94 -17.81
CA LEU A 215 -23.27 -15.66 -18.71
C LEU A 215 -22.99 -16.87 -19.58
N THR A 216 -23.06 -16.71 -20.90
CA THR A 216 -22.75 -17.82 -21.81
C THR A 216 -21.84 -17.38 -22.94
N TRP A 217 -21.00 -18.32 -23.36
CA TRP A 217 -20.12 -18.13 -24.48
C TRP A 217 -20.71 -18.88 -25.67
N GLN A 218 -20.69 -18.23 -26.83
CA GLN A 218 -21.04 -18.84 -28.11
C GLN A 218 -19.86 -18.81 -29.07
N ARG A 219 -19.84 -19.77 -29.99
CA ARG A 219 -18.92 -19.82 -31.13
C ARG A 219 -19.81 -19.85 -32.38
N ASP A 220 -19.70 -18.84 -33.25
CA ASP A 220 -20.52 -18.76 -34.47
C ASP A 220 -22.01 -18.93 -34.18
N GLY A 221 -22.47 -18.33 -33.09
CA GLY A 221 -23.87 -18.47 -32.67
C GLY A 221 -24.24 -19.72 -31.87
N GLU A 222 -23.38 -20.74 -31.87
CA GLU A 222 -23.61 -22.00 -31.11
C GLU A 222 -23.12 -21.90 -29.68
N ASP A 223 -23.97 -22.33 -28.75
CA ASP A 223 -23.63 -22.34 -27.32
C ASP A 223 -22.47 -23.32 -27.06
N GLN A 224 -21.50 -22.90 -26.23
CA GLN A 224 -20.32 -23.74 -25.90
C GLN A 224 -20.41 -24.27 -24.47
N THR A 225 -21.59 -24.81 -24.14
CA THR A 225 -21.98 -25.18 -22.78
C THR A 225 -20.97 -26.08 -22.07
N GLN A 226 -20.55 -27.13 -22.76
CA GLN A 226 -19.62 -28.12 -22.20
C GLN A 226 -18.24 -27.55 -21.85
N ASP A 227 -17.77 -26.56 -22.60
CA ASP A 227 -16.41 -26.04 -22.42
C ASP A 227 -16.30 -24.73 -21.62
N THR A 228 -17.44 -24.19 -21.18
CA THR A 228 -17.44 -22.93 -20.43
C THR A 228 -17.20 -23.19 -18.93
N GLU A 229 -16.12 -22.64 -18.40
CA GLU A 229 -15.90 -22.64 -16.94
C GLU A 229 -16.62 -21.42 -16.37
N LEU A 230 -17.57 -21.66 -15.48
CA LEU A 230 -18.28 -20.59 -14.76
C LEU A 230 -17.80 -20.60 -13.34
N VAL A 231 -17.49 -19.42 -12.78
CA VAL A 231 -17.30 -19.30 -11.33
C VAL A 231 -18.65 -19.03 -10.69
N GLU A 232 -18.71 -19.38 -9.42
CA GLU A 232 -19.85 -19.07 -8.59
C GLU A 232 -19.96 -17.55 -8.45
N THR A 233 -21.19 -17.04 -8.60
CA THR A 233 -21.48 -15.64 -8.39
C THR A 233 -21.07 -15.23 -6.98
N ARG A 234 -20.41 -14.08 -6.85
CA ARG A 234 -19.76 -13.71 -5.60
C ARG A 234 -20.04 -12.28 -5.15
N PRO A 235 -20.11 -12.03 -3.84
CA PRO A 235 -20.37 -10.65 -3.36
C PRO A 235 -19.16 -9.73 -3.49
N ALA A 236 -19.37 -8.51 -3.94
CA ALA A 236 -18.31 -7.53 -4.05
C ALA A 236 -18.03 -6.86 -2.70
N GLY A 237 -19.05 -6.84 -1.85
CA GLY A 237 -18.95 -6.26 -0.50
C GLY A 237 -19.62 -4.89 -0.36
N ASP A 238 -20.06 -4.32 -1.47
CA ASP A 238 -20.78 -3.02 -1.51
C ASP A 238 -22.25 -3.19 -1.94
N GLY A 239 -22.83 -4.38 -1.72
CA GLY A 239 -24.21 -4.67 -2.13
C GLY A 239 -24.39 -5.21 -3.54
N THR A 240 -23.30 -5.31 -4.31
CA THR A 240 -23.36 -5.78 -5.69
C THR A 240 -22.61 -7.10 -5.82
N PHE A 241 -22.80 -7.75 -6.96
CA PHE A 241 -22.22 -9.07 -7.23
C PHE A 241 -21.34 -9.09 -8.48
N GLN A 242 -20.56 -10.17 -8.61
CA GLN A 242 -19.65 -10.40 -9.72
C GLN A 242 -19.73 -11.84 -10.22
N LYS A 243 -19.40 -12.02 -11.48
CA LYS A 243 -19.32 -13.34 -12.09
C LYS A 243 -18.52 -13.26 -13.38
N TRP A 244 -17.80 -14.33 -13.69
CA TRP A 244 -17.24 -14.50 -14.99
C TRP A 244 -17.44 -15.91 -15.53
N ALA A 245 -17.37 -16.00 -16.86
CA ALA A 245 -17.42 -17.24 -17.60
C ALA A 245 -16.25 -17.25 -18.56
N ALA A 246 -15.59 -18.38 -18.70
CA ALA A 246 -14.38 -18.48 -19.53
C ALA A 246 -14.44 -19.68 -20.46
N VAL A 247 -13.78 -19.55 -21.61
CA VAL A 247 -13.60 -20.64 -22.58
C VAL A 247 -12.22 -20.58 -23.21
N VAL A 248 -11.64 -21.76 -23.43
CA VAL A 248 -10.38 -21.92 -24.13
C VAL A 248 -10.75 -22.03 -25.59
N VAL A 249 -10.00 -21.33 -26.44
CA VAL A 249 -10.29 -21.29 -27.87
C VAL A 249 -9.00 -21.45 -28.65
N PRO A 250 -9.08 -21.83 -29.94
CA PRO A 250 -7.84 -21.86 -30.73
C PRO A 250 -7.34 -20.45 -31.02
N SER A 251 -6.04 -20.20 -30.82
CA SER A 251 -5.43 -18.92 -31.19
C SER A 251 -5.63 -18.65 -32.67
N GLY A 252 -6.11 -17.44 -32.99
CA GLY A 252 -6.51 -17.07 -34.34
C GLY A 252 -7.99 -17.23 -34.65
N GLN A 253 -8.79 -17.67 -33.67
CA GLN A 253 -10.22 -17.87 -33.90
C GLN A 253 -11.13 -17.12 -32.92
N GLU A 254 -10.55 -16.19 -32.17
CA GLU A 254 -11.25 -15.47 -31.11
C GLU A 254 -12.48 -14.72 -31.59
N GLN A 255 -12.36 -14.09 -32.77
CA GLN A 255 -13.47 -13.36 -33.42
C GLN A 255 -14.72 -14.17 -33.75
N ARG A 256 -14.61 -15.49 -33.68
CA ARG A 256 -15.77 -16.38 -33.80
C ARG A 256 -16.68 -16.32 -32.55
N TYR A 257 -16.18 -15.79 -31.43
CA TYR A 257 -16.85 -15.94 -30.13
C TYR A 257 -17.56 -14.70 -29.62
N THR A 258 -18.72 -14.92 -29.04
CA THR A 258 -19.52 -13.87 -28.42
C THR A 258 -19.93 -14.30 -27.01
N CYS A 259 -19.96 -13.32 -26.11
CA CYS A 259 -20.45 -13.52 -24.75
C CYS A 259 -21.89 -12.99 -24.63
N HIS A 260 -22.77 -13.73 -23.97
CA HIS A 260 -24.18 -13.31 -23.80
C HIS A 260 -24.55 -13.13 -22.32
N VAL A 261 -25.14 -12.00 -21.98
CA VAL A 261 -25.43 -11.61 -20.60
C VAL A 261 -26.93 -11.34 -20.42
N GLN A 262 -27.60 -12.13 -19.57
CA GLN A 262 -29.00 -11.90 -19.20
C GLN A 262 -29.07 -11.46 -17.74
N HIS A 263 -29.76 -10.36 -17.49
CA HIS A 263 -29.91 -9.81 -16.17
C HIS A 263 -31.10 -8.83 -16.10
N GLU A 264 -31.85 -8.90 -15.00
CA GLU A 264 -33.04 -8.08 -14.77
C GLU A 264 -32.77 -6.58 -15.04
N GLY A 265 -31.68 -6.06 -14.49
CA GLY A 265 -31.18 -4.70 -14.73
C GLY A 265 -30.91 -4.23 -16.17
N LEU A 266 -30.78 -5.17 -17.12
CA LEU A 266 -30.62 -4.84 -18.54
C LEU A 266 -32.00 -4.77 -19.20
N PRO A 267 -32.27 -3.71 -19.96
CA PRO A 267 -33.54 -3.59 -20.69
C PRO A 267 -33.75 -4.77 -21.62
N LYS A 268 -32.68 -5.22 -22.26
CA LYS A 268 -32.72 -6.36 -23.15
C LYS A 268 -31.40 -7.14 -23.07
N PRO A 269 -31.46 -8.45 -23.32
CA PRO A 269 -30.26 -9.28 -23.23
C PRO A 269 -29.08 -8.77 -24.10
N LEU A 270 -27.88 -8.85 -23.53
CA LEU A 270 -26.69 -8.20 -24.08
C LEU A 270 -25.83 -9.20 -24.84
N THR A 271 -25.41 -8.83 -26.05
CA THR A 271 -24.41 -9.60 -26.83
C THR A 271 -23.09 -8.83 -26.87
N LEU A 272 -22.02 -9.46 -26.38
CA LEU A 272 -20.66 -8.92 -26.42
C LEU A 272 -19.85 -9.68 -27.47
N ARG A 273 -19.38 -8.99 -28.51
CA ARG A 273 -18.58 -9.62 -29.55
C ARG A 273 -17.10 -9.33 -29.31
N TRP A 274 -16.28 -10.38 -29.24
CA TRP A 274 -14.84 -10.20 -28.98
C TRP A 274 -14.26 -9.26 -30.05
N GLU A 275 -14.53 -9.56 -31.31
CA GLU A 275 -14.16 -8.68 -32.41
C GLU A 275 -15.44 -8.14 -33.03
N PRO A 276 -15.80 -6.88 -32.71
CA PRO A 276 -16.98 -6.25 -33.32
C PRO A 276 -16.93 -6.20 -34.85
N ILE B 1 -22.04 -35.45 7.37
CA ILE B 1 -21.34 -35.11 6.09
C ILE B 1 -20.73 -33.71 6.12
N GLN B 2 -19.43 -33.61 5.88
CA GLN B 2 -18.70 -32.35 5.84
C GLN B 2 -18.44 -31.91 4.40
N ARG B 3 -18.16 -30.62 4.21
CA ARG B 3 -17.94 -30.06 2.89
C ARG B 3 -16.78 -29.07 2.91
N THR B 4 -15.87 -29.21 1.95
CA THR B 4 -14.65 -28.42 1.92
C THR B 4 -14.97 -27.07 1.23
N PRO B 5 -14.37 -25.97 1.70
CA PRO B 5 -14.74 -24.68 1.12
C PRO B 5 -14.20 -24.44 -0.29
N LYS B 6 -15.03 -23.85 -1.14
CA LYS B 6 -14.55 -23.19 -2.36
C LYS B 6 -14.01 -21.83 -1.94
N ILE B 7 -12.92 -21.39 -2.56
CA ILE B 7 -12.23 -20.14 -2.19
C ILE B 7 -12.02 -19.27 -3.44
N GLN B 8 -12.50 -18.03 -3.40
CA GLN B 8 -12.20 -17.07 -4.47
C GLN B 8 -11.59 -15.84 -3.85
N VAL B 9 -10.47 -15.40 -4.44
CA VAL B 9 -9.74 -14.22 -3.99
C VAL B 9 -9.78 -13.18 -5.11
N TYR B 10 -10.21 -11.97 -4.77
CA TYR B 10 -10.54 -10.97 -5.80
C TYR B 10 -10.66 -9.58 -5.21
N SER B 11 -10.76 -8.57 -6.07
CA SER B 11 -10.90 -7.18 -5.65
C SER B 11 -12.34 -6.71 -5.84
N ARG B 12 -12.79 -5.79 -4.97
CA ARG B 12 -14.14 -5.22 -5.10
C ARG B 12 -14.35 -4.49 -6.42
N HIS B 13 -13.36 -3.72 -6.83
CA HIS B 13 -13.40 -2.93 -8.06
C HIS B 13 -12.26 -3.40 -8.97
N PRO B 14 -12.33 -3.13 -10.28
CA PRO B 14 -11.20 -3.48 -11.14
C PRO B 14 -9.86 -2.99 -10.56
N ALA B 15 -8.86 -3.85 -10.55
CA ALA B 15 -7.58 -3.54 -9.94
C ALA B 15 -6.82 -2.48 -10.73
N GLU B 16 -6.37 -1.44 -10.03
CA GLU B 16 -5.48 -0.42 -10.59
C GLU B 16 -4.39 -0.12 -9.57
N ASN B 17 -3.13 -0.26 -9.95
CA ASN B 17 -2.01 -0.01 -9.05
C ASN B 17 -2.02 1.42 -8.53
N GLY B 18 -2.32 1.59 -7.24
CA GLY B 18 -2.36 2.90 -6.62
C GLY B 18 -3.75 3.27 -6.14
N LYS B 19 -4.77 2.87 -6.90
CA LYS B 19 -6.15 3.16 -6.54
C LYS B 19 -6.65 2.21 -5.45
N SER B 20 -6.80 2.75 -4.25
CA SER B 20 -7.28 1.94 -3.10
C SER B 20 -8.56 1.21 -3.43
N ASN B 21 -8.72 0.04 -2.83
CA ASN B 21 -9.70 -0.96 -3.27
C ASN B 21 -10.00 -1.85 -2.07
N PHE B 22 -10.78 -2.91 -2.26
CA PHE B 22 -10.98 -3.93 -1.23
C PHE B 22 -10.56 -5.32 -1.73
N LEU B 23 -9.70 -5.98 -0.96
CA LEU B 23 -9.25 -7.34 -1.23
C LEU B 23 -10.25 -8.28 -0.56
N ASN B 24 -10.97 -9.06 -1.36
CA ASN B 24 -11.99 -10.00 -0.90
C ASN B 24 -11.47 -11.43 -0.93
N CYS B 25 -11.78 -12.22 0.12
CA CYS B 25 -11.67 -13.68 0.10
C CYS B 25 -13.05 -14.26 0.45
N TYR B 26 -13.69 -14.88 -0.54
CA TYR B 26 -15.02 -15.43 -0.40
C TYR B 26 -14.87 -16.92 -0.23
N VAL B 27 -15.32 -17.43 0.92
CA VAL B 27 -15.38 -18.86 1.17
C VAL B 27 -16.83 -19.27 1.16
N SER B 28 -17.14 -20.27 0.35
CA SER B 28 -18.50 -20.79 0.24
C SER B 28 -18.51 -22.32 0.16
N GLY B 29 -19.70 -22.88 0.26
CA GLY B 29 -19.91 -24.32 0.12
C GLY B 29 -19.37 -25.23 1.22
N PHE B 30 -19.01 -24.68 2.36
CA PHE B 30 -18.35 -25.45 3.43
C PHE B 30 -19.29 -25.86 4.56
N HIS B 31 -18.86 -26.87 5.30
CA HIS B 31 -19.60 -27.42 6.45
C HIS B 31 -18.69 -28.32 7.27
N PRO B 32 -18.59 -28.17 8.59
CA PRO B 32 -19.35 -27.23 9.42
C PRO B 32 -18.85 -25.76 9.32
N SER B 33 -19.43 -24.85 10.13
CA SER B 33 -19.22 -23.41 9.98
C SER B 33 -17.91 -22.84 10.50
N ASP B 34 -17.25 -23.49 11.45
CA ASP B 34 -15.99 -22.96 11.97
C ASP B 34 -14.95 -22.96 10.85
N ILE B 35 -14.26 -21.84 10.71
CA ILE B 35 -13.29 -21.66 9.65
C ILE B 35 -12.31 -20.55 10.00
N GLU B 36 -11.06 -20.74 9.60
CA GLU B 36 -9.99 -19.78 9.84
C GLU B 36 -9.59 -19.19 8.49
N VAL B 37 -9.76 -17.87 8.35
CA VAL B 37 -9.49 -17.15 7.10
C VAL B 37 -8.66 -15.91 7.41
N ASP B 38 -7.46 -15.86 6.85
CA ASP B 38 -6.57 -14.71 6.95
C ASP B 38 -6.24 -14.20 5.56
N LEU B 39 -6.20 -12.88 5.41
CA LEU B 39 -5.64 -12.27 4.22
C LEU B 39 -4.16 -12.03 4.51
N LEU B 40 -3.31 -12.36 3.53
CA LEU B 40 -1.86 -12.27 3.66
C LEU B 40 -1.29 -11.22 2.71
N LYS B 41 -0.20 -10.59 3.13
CA LYS B 41 0.55 -9.63 2.31
C LYS B 41 2.02 -10.02 2.37
N ASN B 42 2.58 -10.41 1.23
CA ASN B 42 3.92 -11.04 1.17
C ASN B 42 4.14 -12.13 2.25
N GLY B 43 3.11 -12.96 2.48
CA GLY B 43 3.17 -14.06 3.45
C GLY B 43 2.93 -13.68 4.91
N GLU B 44 2.50 -12.43 5.14
CA GLU B 44 2.37 -11.84 6.45
C GLU B 44 0.88 -11.58 6.73
N ARG B 45 0.39 -12.08 7.87
CA ARG B 45 -1.02 -11.88 8.24
C ARG B 45 -1.40 -10.40 8.37
N ILE B 46 -2.50 -10.02 7.73
CA ILE B 46 -3.02 -8.67 7.83
C ILE B 46 -3.87 -8.53 9.09
N GLU B 47 -3.74 -7.41 9.78
CA GLU B 47 -4.46 -7.18 11.02
C GLU B 47 -5.76 -6.40 10.82
N LYS B 48 -6.79 -6.77 11.57
CA LYS B 48 -8.08 -6.10 11.50
C LYS B 48 -8.87 -6.33 10.21
N VAL B 49 -8.83 -7.57 9.72
CA VAL B 49 -9.64 -7.97 8.59
C VAL B 49 -11.06 -8.22 9.08
N GLU B 50 -12.03 -7.73 8.31
CA GLU B 50 -13.44 -7.88 8.65
C GLU B 50 -14.07 -9.02 7.87
N HIS B 51 -15.29 -9.40 8.28
CA HIS B 51 -16.04 -10.42 7.56
C HIS B 51 -17.53 -10.25 7.72
N SER B 52 -18.28 -10.82 6.77
CA SER B 52 -19.74 -10.79 6.78
C SER B 52 -20.29 -11.68 7.90
N ASP B 53 -21.60 -11.64 8.09
CA ASP B 53 -22.29 -12.46 9.10
C ASP B 53 -22.62 -13.84 8.53
N LEU B 54 -22.31 -14.88 9.29
CA LEU B 54 -22.49 -16.25 8.83
C LEU B 54 -23.89 -16.48 8.25
N SER B 55 -23.94 -16.92 6.99
CA SER B 55 -25.21 -17.31 6.37
C SER B 55 -25.01 -18.60 5.59
N PHE B 56 -26.06 -19.10 4.94
CA PHE B 56 -25.97 -20.36 4.21
C PHE B 56 -26.89 -20.44 2.99
N SER B 57 -26.56 -21.36 2.09
CA SER B 57 -27.25 -21.54 0.80
C SER B 57 -28.33 -22.64 0.89
N LYS B 58 -28.97 -22.95 -0.22
CA LYS B 58 -30.03 -23.96 -0.23
C LYS B 58 -29.58 -25.28 0.42
N ASP B 59 -28.43 -25.78 -0.01
CA ASP B 59 -27.89 -27.06 0.49
C ASP B 59 -27.35 -26.99 1.95
N TRP B 60 -27.61 -25.89 2.65
CA TRP B 60 -27.19 -25.66 4.04
C TRP B 60 -25.70 -25.37 4.24
N SER B 61 -24.91 -25.38 3.16
CA SER B 61 -23.49 -25.04 3.26
C SER B 61 -23.36 -23.55 3.50
N PHE B 62 -22.29 -23.16 4.17
CA PHE B 62 -22.11 -21.80 4.62
C PHE B 62 -21.30 -20.95 3.64
N TYR B 63 -21.47 -19.64 3.72
CA TYR B 63 -20.60 -18.70 3.01
C TYR B 63 -20.18 -17.53 3.90
N LEU B 64 -18.96 -17.05 3.68
CA LEU B 64 -18.42 -15.86 4.35
C LEU B 64 -17.55 -15.07 3.38
N LEU B 65 -17.67 -13.74 3.45
CA LEU B 65 -16.78 -12.83 2.77
C LEU B 65 -15.84 -12.22 3.79
N TYR B 66 -14.54 -12.43 3.62
CA TYR B 66 -13.52 -11.74 4.38
C TYR B 66 -12.93 -10.65 3.50
N TYR B 67 -12.62 -9.50 4.10
CA TYR B 67 -12.27 -8.32 3.32
C TYR B 67 -11.49 -7.27 4.10
N THR B 68 -10.60 -6.59 3.38
CA THR B 68 -9.85 -5.49 3.92
C THR B 68 -9.54 -4.49 2.84
N GLU B 69 -9.29 -3.25 3.26
CA GLU B 69 -9.00 -2.17 2.35
C GLU B 69 -7.57 -2.44 1.92
N PHE B 70 -7.27 -2.20 0.65
CA PHE B 70 -5.91 -2.39 0.15
C PHE B 70 -5.65 -1.57 -1.10
N THR B 71 -4.36 -1.41 -1.40
CA THR B 71 -3.88 -0.67 -2.56
C THR B 71 -2.98 -1.61 -3.37
N PRO B 72 -3.50 -2.14 -4.50
CA PRO B 72 -2.63 -3.01 -5.30
C PRO B 72 -1.38 -2.27 -5.78
N THR B 73 -0.26 -2.98 -5.83
CA THR B 73 1.00 -2.48 -6.36
C THR B 73 1.61 -3.51 -7.31
N GLU B 74 2.66 -3.11 -8.02
CA GLU B 74 3.38 -4.05 -8.91
C GLU B 74 4.05 -5.15 -8.09
N LYS B 75 4.64 -4.78 -6.97
CA LYS B 75 5.47 -5.71 -6.20
C LYS B 75 4.76 -6.54 -5.13
N ASP B 76 3.74 -5.98 -4.49
CA ASP B 76 3.17 -6.67 -3.32
C ASP B 76 2.31 -7.89 -3.72
N GLU B 77 2.56 -9.02 -3.05
CA GLU B 77 1.86 -10.28 -3.32
C GLU B 77 0.74 -10.50 -2.27
N TYR B 78 -0.51 -10.48 -2.72
CA TYR B 78 -1.67 -10.70 -1.84
C TYR B 78 -2.17 -12.13 -1.96
N ALA B 79 -2.65 -12.66 -0.83
CA ALA B 79 -3.16 -14.02 -0.75
C ALA B 79 -4.25 -14.16 0.32
N CYS B 80 -4.98 -15.27 0.29
CA CYS B 80 -5.94 -15.63 1.32
C CYS B 80 -5.56 -17.00 1.81
N ARG B 81 -5.47 -17.17 3.12
CA ARG B 81 -5.11 -18.43 3.73
C ARG B 81 -6.32 -18.96 4.48
N VAL B 82 -6.74 -20.17 4.11
CA VAL B 82 -7.92 -20.80 4.67
C VAL B 82 -7.58 -22.13 5.33
N ASN B 83 -8.13 -22.35 6.52
CA ASN B 83 -8.07 -23.64 7.17
C ASN B 83 -9.45 -24.04 7.68
N HIS B 84 -9.68 -25.34 7.69
CA HIS B 84 -10.98 -25.92 7.92
C HIS B 84 -10.73 -27.38 8.26
N VAL B 85 -11.67 -28.02 8.95
CA VAL B 85 -11.57 -29.46 9.34
C VAL B 85 -11.43 -30.47 8.18
N THR B 86 -11.89 -30.09 7.00
CA THR B 86 -11.80 -30.93 5.82
C THR B 86 -10.42 -30.89 5.17
N LEU B 87 -9.57 -29.95 5.60
CA LEU B 87 -8.25 -29.74 5.02
C LEU B 87 -7.16 -30.34 5.91
N SER B 88 -6.08 -30.85 5.29
CA SER B 88 -4.90 -31.33 6.03
C SER B 88 -4.22 -30.21 6.77
N GLN B 89 -3.97 -29.14 6.04
CA GLN B 89 -3.21 -27.99 6.50
C GLN B 89 -3.80 -26.75 5.79
N PRO B 90 -3.37 -25.54 6.20
CA PRO B 90 -3.90 -24.34 5.56
C PRO B 90 -3.69 -24.30 4.05
N LYS B 91 -4.74 -23.98 3.31
CA LYS B 91 -4.63 -23.75 1.87
C LYS B 91 -4.38 -22.27 1.63
N ILE B 92 -3.34 -21.96 0.85
CA ILE B 92 -3.02 -20.58 0.46
C ILE B 92 -3.46 -20.41 -1.00
N VAL B 93 -4.30 -19.40 -1.25
CA VAL B 93 -4.73 -19.05 -2.60
C VAL B 93 -4.31 -17.59 -2.86
N LYS B 94 -3.43 -17.40 -3.84
CA LYS B 94 -2.89 -16.10 -4.18
C LYS B 94 -3.92 -15.28 -4.93
N TRP B 95 -3.88 -13.97 -4.71
CA TRP B 95 -4.75 -13.07 -5.44
C TRP B 95 -4.26 -12.97 -6.86
N ASP B 96 -5.11 -13.39 -7.79
CA ASP B 96 -4.86 -13.26 -9.22
C ASP B 96 -5.81 -12.17 -9.73
N ARG B 97 -5.24 -11.14 -10.34
CA ARG B 97 -6.00 -9.99 -10.86
C ARG B 97 -6.94 -10.37 -12.01
N ASP B 98 -6.64 -11.48 -12.69
CA ASP B 98 -7.45 -12.07 -13.75
C ASP B 98 -8.45 -13.13 -13.28
N MET B 99 -8.09 -13.87 -12.22
CA MET B 99 -8.77 -15.09 -11.65
C MET B 99 -8.33 -16.42 -12.30
N ARG C 1 -39.55 -8.57 10.27
CA ARG C 1 -39.92 -9.11 11.61
C ARG C 1 -39.80 -10.62 11.61
N THR C 2 -39.08 -11.15 12.60
CA THR C 2 -39.02 -12.58 12.85
C THR C 2 -40.40 -13.13 13.31
N PHE C 3 -40.52 -14.45 13.27
CA PHE C 3 -41.68 -15.19 13.75
C PHE C 3 -41.65 -15.29 15.30
N SER C 4 -42.75 -14.97 15.99
CA SER C 4 -42.73 -14.88 17.48
C SER C 4 -42.67 -16.21 18.28
N PRO C 5 -43.55 -17.20 17.99
CA PRO C 5 -43.60 -18.47 18.74
C PRO C 5 -42.31 -19.30 18.84
N THR C 6 -42.30 -20.23 19.79
CA THR C 6 -41.10 -20.99 20.20
C THR C 6 -41.13 -22.44 19.59
N TYR C 7 -41.40 -23.47 20.39
CA TYR C 7 -41.61 -24.88 19.92
C TYR C 7 -40.38 -25.61 19.34
N GLY C 8 -39.74 -26.41 20.20
CA GLY C 8 -38.53 -27.17 19.86
C GLY C 8 -38.79 -28.45 19.09
N LEU C 9 -37.71 -29.12 18.71
CA LEU C 9 -37.76 -30.33 17.87
C LEU C 9 -38.01 -31.58 18.71
N PRO D 1 10.51 -32.65 -34.09
CA PRO D 1 10.89 -33.90 -33.44
C PRO D 1 10.32 -34.01 -32.00
N LYS D 2 9.29 -34.84 -31.84
CA LYS D 2 8.44 -34.86 -30.62
C LYS D 2 9.18 -35.24 -29.31
N PRO D 3 9.33 -34.28 -28.37
CA PRO D 3 9.99 -34.57 -27.10
C PRO D 3 9.09 -35.34 -26.10
N THR D 4 9.68 -35.72 -24.97
CA THR D 4 9.01 -36.52 -23.94
C THR D 4 9.04 -35.75 -22.63
N LEU D 5 7.90 -35.72 -21.93
CA LEU D 5 7.75 -34.99 -20.67
C LEU D 5 7.52 -35.97 -19.53
N TRP D 6 8.40 -35.96 -18.54
CA TRP D 6 8.25 -36.78 -17.33
C TRP D 6 8.52 -35.97 -16.07
N ALA D 7 8.15 -36.55 -14.93
CA ALA D 7 8.43 -35.97 -13.62
C ALA D 7 9.25 -36.94 -12.78
N GLU D 8 10.02 -36.40 -11.85
CA GLU D 8 10.78 -37.24 -10.91
C GLU D 8 10.70 -36.66 -9.49
N PRO D 9 10.41 -37.48 -8.47
CA PRO D 9 10.41 -38.96 -8.54
C PRO D 9 9.29 -39.61 -9.36
N GLY D 10 8.15 -38.93 -9.43
CA GLY D 10 7.00 -39.38 -10.21
C GLY D 10 6.04 -38.21 -10.42
N SER D 11 4.87 -38.49 -10.96
CA SER D 11 3.86 -37.47 -11.26
C SER D 11 2.73 -37.36 -10.21
N VAL D 12 2.74 -38.22 -9.18
CA VAL D 12 1.78 -38.18 -8.06
C VAL D 12 2.57 -37.85 -6.78
N ILE D 13 2.48 -36.62 -6.31
CA ILE D 13 3.34 -36.11 -5.24
C ILE D 13 2.51 -35.52 -4.10
N THR D 14 2.89 -35.85 -2.87
CA THR D 14 2.19 -35.36 -1.67
C THR D 14 2.48 -33.88 -1.48
N GLN D 15 1.51 -33.15 -0.93
CA GLN D 15 1.72 -31.75 -0.54
C GLN D 15 3.00 -31.57 0.26
N GLY D 16 3.80 -30.59 -0.13
CA GLY D 16 5.04 -30.26 0.58
C GLY D 16 6.26 -31.06 0.18
N SER D 17 6.17 -31.89 -0.86
CA SER D 17 7.31 -32.69 -1.34
C SER D 17 7.89 -32.08 -2.63
N PRO D 18 9.18 -32.37 -2.92
CA PRO D 18 9.80 -31.82 -4.12
C PRO D 18 9.50 -32.63 -5.37
N VAL D 19 9.49 -31.95 -6.51
CA VAL D 19 9.32 -32.63 -7.81
C VAL D 19 9.88 -31.77 -8.94
N THR D 20 10.45 -32.44 -9.95
CA THR D 20 11.08 -31.79 -11.08
C THR D 20 10.49 -32.32 -12.36
N LEU D 21 9.86 -31.44 -13.13
CA LEU D 21 9.38 -31.77 -14.46
C LEU D 21 10.57 -31.67 -15.40
N ARG D 22 10.77 -32.70 -16.21
CA ARG D 22 11.86 -32.76 -17.18
C ARG D 22 11.29 -33.06 -18.55
N CYS D 23 11.80 -32.37 -19.57
CA CYS D 23 11.53 -32.75 -20.96
C CYS D 23 12.73 -32.57 -21.89
N GLN D 24 12.75 -33.38 -22.94
CA GLN D 24 13.95 -33.62 -23.73
C GLN D 24 13.58 -33.93 -25.18
N GLU D 31 15.64 -24.75 -27.20
CA GLU D 31 14.80 -23.82 -26.43
C GLU D 31 13.47 -24.47 -26.07
N TYR D 32 13.37 -24.95 -24.84
CA TYR D 32 12.14 -25.60 -24.36
C TYR D 32 11.07 -24.57 -23.89
N ARG D 33 9.82 -25.01 -23.89
CA ARG D 33 8.70 -24.21 -23.39
C ARG D 33 7.67 -25.13 -22.70
N LEU D 34 7.54 -24.99 -21.38
CA LEU D 34 6.58 -25.76 -20.59
C LEU D 34 5.32 -24.92 -20.36
N TYR D 35 4.15 -25.51 -20.59
CA TYR D 35 2.87 -24.87 -20.29
C TYR D 35 1.85 -25.87 -19.72
N ARG D 36 0.78 -25.35 -19.11
CA ARG D 36 -0.29 -26.17 -18.51
C ARG D 36 -1.58 -25.97 -19.28
N GLU D 37 -2.26 -27.06 -19.60
CA GLU D 37 -3.52 -26.99 -20.31
C GLU D 37 -4.61 -26.28 -19.49
N LYS D 38 -5.52 -25.60 -20.19
CA LYS D 38 -6.69 -24.90 -19.61
C LYS D 38 -6.44 -23.65 -18.74
N LYS D 39 -5.27 -23.55 -18.09
CA LYS D 39 -5.01 -22.51 -17.11
C LYS D 39 -3.50 -22.37 -16.95
N THR D 40 -3.01 -21.13 -16.97
CA THR D 40 -1.57 -20.85 -16.99
C THR D 40 -0.97 -21.17 -15.64
N ALA D 41 0.32 -21.49 -15.63
CA ALA D 41 1.02 -21.93 -14.44
C ALA D 41 2.19 -20.99 -14.18
N PRO D 42 1.96 -19.90 -13.42
CA PRO D 42 2.99 -18.87 -13.24
C PRO D 42 4.33 -19.38 -12.73
N TRP D 43 4.34 -20.43 -11.90
CA TRP D 43 5.62 -20.97 -11.37
C TRP D 43 6.66 -21.28 -12.46
N ILE D 44 6.22 -21.57 -13.68
CA ILE D 44 7.11 -21.83 -14.82
C ILE D 44 7.95 -20.58 -15.16
N THR D 45 7.29 -19.43 -15.19
CA THR D 45 7.93 -18.15 -15.55
C THR D 45 9.00 -17.67 -14.53
N ARG D 46 8.90 -18.09 -13.26
CA ARG D 46 9.89 -17.75 -12.23
C ARG D 46 11.03 -18.79 -12.10
N ILE D 47 11.42 -19.43 -13.20
CA ILE D 47 12.50 -20.42 -13.21
C ILE D 47 13.66 -19.86 -14.05
N PRO D 48 14.92 -20.01 -13.56
CA PRO D 48 16.06 -19.49 -14.34
C PRO D 48 16.31 -20.24 -15.65
N GLN D 49 16.89 -19.54 -16.62
CA GLN D 49 17.13 -20.08 -17.98
C GLN D 49 18.22 -21.15 -18.01
N GLU D 50 19.11 -21.13 -17.02
CA GLU D 50 20.15 -22.18 -16.85
C GLU D 50 19.55 -23.58 -16.79
N LEU D 51 18.40 -23.70 -16.11
CA LEU D 51 17.68 -24.97 -15.99
C LEU D 51 16.75 -25.24 -17.18
N VAL D 52 16.16 -24.19 -17.74
CA VAL D 52 15.25 -24.34 -18.88
C VAL D 52 15.87 -25.21 -19.96
N LYS D 53 17.18 -25.09 -20.15
CA LYS D 53 17.89 -25.87 -21.15
C LYS D 53 19.18 -26.47 -20.58
N GLY D 55 16.76 -28.87 -19.77
CA GLY D 55 15.33 -29.14 -19.86
C GLY D 55 14.74 -29.51 -18.51
N GLN D 56 14.90 -28.61 -17.54
CA GLN D 56 14.57 -28.88 -16.14
C GLN D 56 13.67 -27.79 -15.55
N PHE D 57 12.61 -28.22 -14.86
CA PHE D 57 11.64 -27.32 -14.22
C PHE D 57 11.36 -27.83 -12.80
N PRO D 58 12.19 -27.40 -11.81
CA PRO D 58 12.03 -27.89 -10.43
C PRO D 58 10.99 -27.13 -9.59
N ILE D 59 10.35 -27.88 -8.68
CA ILE D 59 9.37 -27.35 -7.73
C ILE D 59 9.87 -27.75 -6.34
N PRO D 60 10.26 -26.75 -5.50
CA PRO D 60 10.79 -27.06 -4.15
C PRO D 60 9.82 -27.86 -3.28
N SER D 61 8.61 -27.34 -3.11
CA SER D 61 7.54 -28.03 -2.37
C SER D 61 6.21 -27.80 -3.10
N ILE D 62 5.65 -28.88 -3.65
CA ILE D 62 4.42 -28.82 -4.44
C ILE D 62 3.22 -28.47 -3.56
N THR D 63 2.21 -27.86 -4.19
CA THR D 63 0.93 -27.49 -3.59
C THR D 63 -0.13 -27.58 -4.68
N TRP D 64 -1.39 -27.31 -4.32
CA TRP D 64 -2.51 -27.28 -5.26
C TRP D 64 -2.25 -26.43 -6.51
N GLU D 65 -1.45 -25.37 -6.37
CA GLU D 65 -1.12 -24.46 -7.50
C GLU D 65 -0.46 -25.15 -8.68
N HIS D 66 0.36 -26.15 -8.40
CA HIS D 66 1.11 -26.87 -9.41
C HIS D 66 0.29 -27.94 -10.15
N ALA D 67 -0.85 -28.36 -9.57
CA ALA D 67 -1.60 -29.50 -10.11
C ALA D 67 -2.15 -29.20 -11.49
N GLY D 68 -2.12 -30.22 -12.37
CA GLY D 68 -2.71 -30.10 -13.69
C GLY D 68 -2.02 -30.87 -14.78
N ARG D 69 -2.48 -30.65 -15.99
CA ARG D 69 -2.07 -31.38 -17.18
C ARG D 69 -1.12 -30.48 -17.97
N TYR D 70 0.14 -30.91 -18.08
CA TYR D 70 1.19 -30.16 -18.75
C TYR D 70 1.63 -30.81 -20.08
N ARG D 71 2.10 -29.97 -21.00
CA ARG D 71 2.77 -30.41 -22.23
C ARG D 71 4.00 -29.53 -22.45
N CYS D 72 5.00 -30.10 -23.13
CA CYS D 72 6.24 -29.40 -23.44
C CYS D 72 6.53 -29.44 -24.96
N TYR D 73 7.27 -28.45 -25.44
CA TYR D 73 7.72 -28.38 -26.83
C TYR D 73 8.91 -27.43 -26.97
N TYR D 74 9.45 -27.32 -28.19
CA TYR D 74 10.46 -26.29 -28.52
C TYR D 74 10.29 -25.76 -29.96
N GLY D 75 10.79 -24.54 -30.18
CA GLY D 75 10.53 -23.79 -31.42
C GLY D 75 9.31 -22.89 -31.29
N SER D 76 9.08 -22.04 -32.29
CA SER D 76 8.08 -20.96 -32.21
C SER D 76 7.39 -20.63 -33.55
N ASP D 77 6.89 -21.67 -34.23
CA ASP D 77 6.08 -21.55 -35.48
C ASP D 77 6.82 -21.05 -36.74
N THR D 78 8.02 -20.52 -36.55
CA THR D 78 8.92 -20.18 -37.64
C THR D 78 10.35 -20.59 -37.28
N ALA D 79 10.50 -21.81 -36.75
CA ALA D 79 11.81 -22.27 -36.28
C ALA D 79 11.94 -23.74 -36.68
N GLY D 80 11.07 -24.60 -36.14
CA GLY D 80 9.99 -24.14 -35.25
C GLY D 80 8.88 -25.17 -35.15
N ARG D 81 8.28 -25.24 -33.96
CA ARG D 81 7.33 -26.28 -33.57
C ARG D 81 7.85 -27.70 -33.74
N SER D 82 8.55 -28.17 -32.71
CA SER D 82 8.59 -29.60 -32.41
C SER D 82 7.18 -29.94 -31.94
N GLU D 83 6.67 -31.10 -32.34
CA GLU D 83 5.32 -31.52 -31.97
C GLU D 83 5.14 -31.46 -30.45
N SER D 84 3.91 -31.18 -30.01
CA SER D 84 3.61 -31.16 -28.56
C SER D 84 3.81 -32.56 -27.97
N SER D 85 4.50 -32.63 -26.83
CA SER D 85 4.72 -33.90 -26.11
C SER D 85 3.42 -34.50 -25.61
N ASP D 86 3.47 -35.77 -25.19
CA ASP D 86 2.35 -36.41 -24.51
C ASP D 86 2.08 -35.68 -23.18
N PRO D 87 0.80 -35.68 -22.73
CA PRO D 87 0.51 -34.98 -21.49
C PRO D 87 1.07 -35.69 -20.24
N LEU D 88 1.66 -34.89 -19.36
CA LEU D 88 1.98 -35.30 -18.00
C LEU D 88 0.89 -34.77 -17.06
N GLU D 89 0.26 -35.66 -16.31
CA GLU D 89 -0.79 -35.27 -15.38
C GLU D 89 -0.26 -35.20 -13.96
N LEU D 90 0.09 -33.98 -13.54
CA LEU D 90 0.75 -33.75 -12.27
C LEU D 90 -0.27 -33.67 -11.15
N VAL D 91 -0.33 -34.71 -10.32
CA VAL D 91 -1.33 -34.84 -9.26
C VAL D 91 -0.72 -34.51 -7.89
N VAL D 92 -1.43 -33.65 -7.16
CA VAL D 92 -1.05 -33.31 -5.79
C VAL D 92 -2.00 -34.03 -4.83
N THR D 93 -1.45 -34.86 -3.96
CA THR D 93 -2.20 -35.54 -2.91
C THR D 93 -1.98 -34.86 -1.57
N GLY D 94 -2.79 -35.26 -0.58
CA GLY D 94 -2.70 -34.74 0.77
C GLY D 94 -3.36 -33.40 1.01
N ALA D 95 -4.22 -32.95 0.09
CA ALA D 95 -4.88 -31.66 0.24
C ALA D 95 -6.03 -31.70 1.27
N TYR D 96 -6.70 -32.85 1.37
CA TYR D 96 -7.86 -33.00 2.24
C TYR D 96 -7.61 -34.13 3.23
N ILE D 97 -8.41 -34.15 4.29
CA ILE D 97 -8.39 -35.24 5.24
C ILE D 97 -8.73 -36.57 4.56
N LYS D 98 -8.19 -37.63 5.13
CA LYS D 98 -8.18 -38.95 4.49
C LYS D 98 -9.54 -39.61 4.58
N PRO D 99 -9.88 -40.44 3.58
CA PRO D 99 -11.03 -41.33 3.69
C PRO D 99 -10.64 -42.60 4.44
N THR D 100 -11.60 -43.50 4.65
CA THR D 100 -11.33 -44.81 5.23
C THR D 100 -11.66 -45.88 4.20
N LEU D 101 -10.82 -46.91 4.14
CA LEU D 101 -11.00 -48.01 3.20
C LEU D 101 -11.33 -49.24 4.02
N SER D 102 -12.33 -50.01 3.58
CA SER D 102 -12.73 -51.25 4.25
C SER D 102 -13.07 -52.36 3.24
N ALA D 103 -12.89 -53.61 3.67
CA ALA D 103 -13.19 -54.80 2.88
C ALA D 103 -14.51 -55.38 3.33
N GLN D 104 -15.44 -55.59 2.40
CA GLN D 104 -16.79 -56.08 2.71
C GLN D 104 -17.02 -57.41 2.01
N PRO D 105 -17.48 -58.45 2.71
CA PRO D 105 -17.77 -58.40 4.14
C PRO D 105 -16.51 -58.47 5.05
N SER D 106 -15.36 -58.84 4.51
CA SER D 106 -14.16 -59.09 5.33
C SER D 106 -12.87 -58.89 4.54
N PRO D 107 -11.80 -58.47 5.23
CA PRO D 107 -10.49 -58.47 4.58
C PRO D 107 -9.83 -59.86 4.50
N VAL D 108 -10.45 -60.86 5.11
CA VAL D 108 -10.03 -62.27 5.02
C VAL D 108 -10.76 -62.92 3.83
N VAL D 109 -10.01 -63.28 2.80
CA VAL D 109 -10.56 -63.83 1.56
C VAL D 109 -9.95 -65.20 1.26
N ASN D 110 -10.77 -66.11 0.77
CA ASN D 110 -10.30 -67.39 0.26
C ASN D 110 -9.62 -67.21 -1.08
N SER D 111 -8.49 -67.90 -1.27
CA SER D 111 -7.79 -67.99 -2.57
C SER D 111 -8.78 -68.25 -3.70
N GLY D 112 -8.63 -67.51 -4.80
CA GLY D 112 -9.59 -67.55 -5.91
C GLY D 112 -10.80 -66.65 -5.73
N GLY D 113 -11.00 -66.15 -4.51
CA GLY D 113 -12.16 -65.34 -4.20
C GLY D 113 -11.97 -63.90 -4.68
N ASN D 114 -13.10 -63.21 -4.73
CA ASN D 114 -13.15 -61.77 -4.94
C ASN D 114 -13.59 -61.12 -3.64
N VAL D 115 -13.35 -59.82 -3.51
CA VAL D 115 -13.83 -59.06 -2.36
C VAL D 115 -14.18 -57.63 -2.78
N THR D 116 -15.11 -57.03 -2.06
CA THR D 116 -15.57 -55.68 -2.38
C THR D 116 -14.95 -54.63 -1.46
N LEU D 117 -14.16 -53.73 -2.04
CA LEU D 117 -13.55 -52.64 -1.28
C LEU D 117 -14.50 -51.46 -1.21
N GLN D 118 -14.49 -50.76 -0.08
CA GLN D 118 -15.38 -49.64 0.12
C GLN D 118 -14.54 -48.47 0.63
N CYS D 119 -14.59 -47.36 -0.10
CA CYS D 119 -13.86 -46.14 0.22
C CYS D 119 -14.86 -45.08 0.64
N ASP D 120 -14.76 -44.65 1.90
CA ASP D 120 -15.68 -43.69 2.52
C ASP D 120 -14.96 -42.41 2.86
N SER D 121 -15.44 -41.30 2.31
CA SER D 121 -14.96 -39.98 2.69
C SER D 121 -16.03 -39.34 3.57
N GLN D 122 -15.63 -38.81 4.72
CA GLN D 122 -16.55 -38.01 5.53
C GLN D 122 -16.79 -36.60 4.93
N VAL D 123 -15.95 -36.22 3.96
CA VAL D 123 -16.07 -34.99 3.18
C VAL D 123 -16.78 -35.27 1.86
N ALA D 124 -17.73 -34.41 1.49
CA ALA D 124 -18.47 -34.56 0.25
C ALA D 124 -17.53 -34.48 -0.96
N PHE D 125 -17.37 -35.60 -1.64
CA PHE D 125 -16.59 -35.69 -2.86
C PHE D 125 -17.32 -36.65 -3.79
N ASP D 126 -17.14 -36.44 -5.09
CA ASP D 126 -17.79 -37.25 -6.11
C ASP D 126 -16.79 -38.12 -6.86
N GLY D 127 -15.52 -38.09 -6.47
CA GLY D 127 -14.47 -38.83 -7.18
C GLY D 127 -13.69 -39.67 -6.21
N PHE D 128 -13.46 -40.94 -6.59
CA PHE D 128 -12.75 -41.89 -5.75
C PHE D 128 -11.74 -42.70 -6.56
N ILE D 129 -10.60 -42.99 -5.91
CA ILE D 129 -9.49 -43.68 -6.52
C ILE D 129 -9.01 -44.78 -5.59
N LEU D 130 -8.89 -46.00 -6.12
CA LEU D 130 -8.28 -47.13 -5.40
C LEU D 130 -6.92 -47.43 -6.02
N CYS D 131 -5.86 -47.44 -5.21
CA CYS D 131 -4.52 -47.77 -5.69
C CYS D 131 -3.98 -49.05 -5.03
N LYS D 132 -3.48 -49.97 -5.86
CA LYS D 132 -2.85 -51.21 -5.38
C LYS D 132 -1.36 -50.96 -5.07
N GLU D 133 -0.90 -51.46 -3.92
CA GLU D 133 0.37 -51.05 -3.26
C GLU D 133 0.49 -49.51 -3.04
N GLY D 134 0.74 -49.04 -1.82
CA GLY D 134 1.13 -49.86 -0.68
C GLY D 134 1.64 -49.03 0.48
N PRO D 139 2.56 -47.79 -8.19
CA PRO D 139 1.15 -47.91 -7.83
C PRO D 139 0.22 -47.91 -9.04
N GLN D 140 -0.75 -48.83 -9.07
CA GLN D 140 -1.73 -48.97 -10.15
C GLN D 140 -3.13 -48.64 -9.64
N CYS D 141 -3.73 -47.59 -10.21
CA CYS D 141 -4.93 -46.96 -9.64
C CYS D 141 -6.17 -47.02 -10.54
N LEU D 142 -7.30 -47.32 -9.92
CA LEU D 142 -8.59 -47.43 -10.59
C LEU D 142 -9.44 -46.24 -10.14
N ASN D 143 -10.38 -45.84 -10.97
CA ASN D 143 -11.16 -44.63 -10.75
C ASN D 143 -12.66 -44.98 -10.73
N SER D 144 -13.43 -44.22 -9.94
CA SER D 144 -14.85 -44.52 -9.75
C SER D 144 -15.66 -43.34 -9.23
N GLN D 145 -16.88 -43.23 -9.75
CA GLN D 145 -17.94 -42.41 -9.15
C GLN D 145 -18.48 -43.03 -7.84
N PRO D 146 -19.26 -42.27 -7.04
CA PRO D 146 -19.88 -42.83 -5.85
C PRO D 146 -20.88 -43.96 -6.16
N HIS D 147 -21.13 -44.83 -5.20
CA HIS D 147 -22.02 -45.99 -5.38
C HIS D 147 -23.50 -45.57 -5.57
N ALA D 148 -23.89 -44.41 -5.06
CA ALA D 148 -25.23 -43.84 -5.30
C ALA D 148 -25.16 -42.32 -5.48
N ARG D 149 -26.29 -41.71 -5.84
CA ARG D 149 -26.37 -40.28 -6.13
C ARG D 149 -26.09 -39.47 -4.87
N GLY D 150 -24.95 -38.80 -4.83
CA GLY D 150 -24.53 -37.96 -3.70
C GLY D 150 -24.20 -38.68 -2.40
N SER D 151 -23.56 -39.85 -2.49
CA SER D 151 -23.27 -40.68 -1.31
C SER D 151 -21.92 -40.44 -0.61
N SER D 152 -20.92 -39.95 -1.35
CA SER D 152 -19.52 -39.90 -0.87
C SER D 152 -18.90 -41.26 -0.43
N ARG D 153 -19.31 -42.32 -1.12
CA ARG D 153 -18.79 -43.66 -0.88
C ARG D 153 -18.65 -44.37 -2.24
N ALA D 154 -17.47 -44.92 -2.51
CA ALA D 154 -17.28 -45.75 -3.72
C ALA D 154 -17.03 -47.21 -3.35
N ILE D 155 -17.41 -48.09 -4.27
CA ILE D 155 -17.26 -49.53 -4.12
C ILE D 155 -16.48 -50.07 -5.31
N PHE D 156 -15.40 -50.80 -5.01
CA PHE D 156 -14.54 -51.40 -6.01
C PHE D 156 -14.58 -52.91 -5.82
N SER D 157 -14.59 -53.64 -6.93
CA SER D 157 -14.52 -55.10 -6.91
C SER D 157 -13.11 -55.53 -7.28
N VAL D 158 -12.57 -56.47 -6.50
CA VAL D 158 -11.16 -56.83 -6.55
C VAL D 158 -11.03 -58.36 -6.57
N GLY D 159 -10.10 -58.86 -7.37
CA GLY D 159 -9.80 -60.30 -7.45
C GLY D 159 -9.86 -60.85 -8.87
N PRO D 160 -9.75 -62.16 -9.06
CA PRO D 160 -9.55 -63.15 -7.97
C PRO D 160 -8.18 -63.05 -7.31
N VAL D 161 -8.15 -63.26 -6.00
CA VAL D 161 -6.93 -63.13 -5.22
C VAL D 161 -6.23 -64.48 -5.07
N SER D 162 -4.98 -64.43 -4.65
CA SER D 162 -4.11 -65.59 -4.53
C SER D 162 -3.11 -65.34 -3.40
N PRO D 163 -2.78 -66.39 -2.61
CA PRO D 163 -1.86 -66.23 -1.49
C PRO D 163 -0.41 -65.97 -1.92
N SER D 164 -0.10 -66.26 -3.18
CA SER D 164 1.22 -65.99 -3.77
C SER D 164 1.67 -64.52 -3.73
N ARG D 165 0.72 -63.58 -3.76
CA ARG D 165 1.04 -62.16 -3.92
C ARG D 165 0.44 -61.29 -2.82
N ARG D 166 0.98 -60.08 -2.69
CA ARG D 166 0.39 -59.05 -1.84
C ARG D 166 -0.84 -58.48 -2.53
N TRP D 167 -1.88 -58.24 -1.73
CA TRP D 167 -3.06 -57.47 -2.15
C TRP D 167 -3.27 -56.39 -1.10
N TRP D 168 -2.57 -55.28 -1.34
CA TRP D 168 -2.46 -54.13 -0.44
C TRP D 168 -3.01 -52.89 -1.15
N TYR D 169 -3.94 -52.17 -0.52
CA TYR D 169 -4.63 -51.03 -1.14
C TYR D 169 -4.70 -49.80 -0.26
N ARG D 170 -4.75 -48.64 -0.92
CA ARG D 170 -5.19 -47.38 -0.32
C ARG D 170 -6.18 -46.73 -1.26
N CYS D 171 -7.05 -45.85 -0.73
CA CYS D 171 -7.94 -45.06 -1.56
C CYS D 171 -7.83 -43.56 -1.29
N TYR D 172 -8.21 -42.78 -2.31
CA TYR D 172 -8.17 -41.33 -2.26
C TYR D 172 -9.53 -40.82 -2.69
N ALA D 173 -9.89 -39.62 -2.24
CA ALA D 173 -11.08 -38.93 -2.70
C ALA D 173 -10.69 -37.60 -3.36
N TYR D 174 -11.52 -37.17 -4.29
CA TYR D 174 -11.32 -35.89 -4.96
C TYR D 174 -12.61 -35.34 -5.52
N ASP D 175 -12.55 -34.07 -5.93
CA ASP D 175 -13.62 -33.36 -6.62
C ASP D 175 -13.37 -33.43 -8.13
N SER D 176 -14.38 -33.81 -8.91
CA SER D 176 -14.23 -33.98 -10.35
C SER D 176 -13.96 -32.67 -11.11
N ASN D 177 -14.39 -31.54 -10.54
CA ASN D 177 -14.01 -30.21 -11.06
C ASN D 177 -12.52 -29.86 -10.85
N SER D 178 -11.83 -30.61 -9.99
CA SER D 178 -10.41 -30.43 -9.71
C SER D 178 -9.70 -31.79 -9.62
N PRO D 179 -9.69 -32.56 -10.72
CA PRO D 179 -9.30 -33.98 -10.65
C PRO D 179 -7.83 -34.27 -10.36
N TYR D 180 -6.99 -33.23 -10.32
CA TYR D 180 -5.55 -33.35 -10.01
C TYR D 180 -5.19 -33.07 -8.54
N GLU D 181 -6.21 -32.83 -7.72
CA GLU D 181 -6.02 -32.50 -6.31
C GLU D 181 -6.74 -33.54 -5.49
N TRP D 182 -5.98 -34.39 -4.81
CA TRP D 182 -6.55 -35.56 -4.14
C TRP D 182 -6.40 -35.41 -2.64
N SER D 183 -7.21 -36.13 -1.89
CA SER D 183 -7.12 -36.11 -0.43
C SER D 183 -6.08 -37.13 0.05
N LEU D 184 -5.47 -36.86 1.20
CA LEU D 184 -4.49 -37.76 1.78
C LEU D 184 -5.01 -39.19 1.73
N PRO D 185 -4.17 -40.13 1.33
CA PRO D 185 -4.62 -41.51 1.14
C PRO D 185 -5.19 -42.07 2.44
N SER D 186 -6.07 -43.06 2.31
CA SER D 186 -6.49 -43.86 3.45
C SER D 186 -5.30 -44.62 4.04
N ASP D 187 -5.50 -45.17 5.22
CA ASP D 187 -4.60 -46.17 5.74
C ASP D 187 -4.55 -47.37 4.78
N LEU D 188 -3.42 -48.06 4.80
CA LEU D 188 -3.24 -49.28 4.01
C LEU D 188 -4.22 -50.35 4.46
N LEU D 189 -4.92 -50.93 3.50
CA LEU D 189 -5.72 -52.10 3.73
C LEU D 189 -5.03 -53.29 3.07
N GLU D 190 -4.79 -54.33 3.87
CA GLU D 190 -4.20 -55.57 3.40
C GLU D 190 -5.29 -56.62 3.36
N LEU D 191 -5.36 -57.38 2.26
CA LEU D 191 -6.17 -58.58 2.23
C LEU D 191 -5.35 -59.74 2.80
N LEU D 192 -5.98 -60.53 3.65
CA LEU D 192 -5.39 -61.76 4.17
C LEU D 192 -6.00 -62.88 3.35
N VAL D 193 -5.17 -63.51 2.51
CA VAL D 193 -5.65 -64.49 1.56
C VAL D 193 -5.33 -65.88 2.10
N LEU D 194 -6.37 -66.70 2.27
CA LEU D 194 -6.24 -68.03 2.87
C LEU D 194 -6.14 -69.13 1.81
N GLY D 195 -4.98 -69.79 1.76
CA GLY D 195 -4.80 -71.03 0.99
C GLY D 195 -4.86 -72.18 1.96
N GLY E 1 8.36 37.99 -23.12
CA GLY E 1 9.19 38.06 -21.89
C GLY E 1 10.67 37.74 -22.13
N SER E 2 11.46 37.90 -21.07
CA SER E 2 12.90 37.63 -21.08
C SER E 2 13.19 36.16 -20.77
N HIS E 3 14.31 35.66 -21.27
CA HIS E 3 14.69 34.25 -21.11
C HIS E 3 16.18 34.07 -20.84
N SER E 4 16.55 32.86 -20.43
CA SER E 4 17.94 32.54 -20.14
C SER E 4 18.26 31.09 -20.43
N MET E 5 19.51 30.82 -20.77
CA MET E 5 20.07 29.46 -20.83
C MET E 5 21.26 29.38 -19.89
N ARG E 6 21.32 28.33 -19.08
CA ARG E 6 22.37 28.20 -18.06
C ARG E 6 22.84 26.78 -17.97
N TYR E 7 24.16 26.62 -17.89
CA TYR E 7 24.77 25.34 -17.60
C TYR E 7 25.41 25.40 -16.22
N PHE E 8 25.29 24.30 -15.48
CA PHE E 8 25.81 24.13 -14.13
C PHE E 8 26.66 22.87 -14.11
N PHE E 9 27.87 22.95 -13.55
CA PHE E 9 28.80 21.84 -13.48
C PHE E 9 29.34 21.72 -12.07
N THR E 10 29.37 20.49 -11.54
CA THR E 10 29.89 20.20 -10.21
C THR E 10 30.90 19.06 -10.29
N SER E 11 32.09 19.29 -9.76
CA SER E 11 33.14 18.27 -9.71
C SER E 11 33.51 18.05 -8.24
N VAL E 12 33.39 16.82 -7.75
CA VAL E 12 33.66 16.49 -6.36
C VAL E 12 34.71 15.39 -6.26
N SER E 13 35.81 15.67 -5.57
CA SER E 13 36.85 14.66 -5.36
C SER E 13 36.38 13.65 -4.31
N ARG E 14 36.70 12.38 -4.58
CA ARG E 14 36.33 11.25 -3.74
C ARG E 14 37.60 10.45 -3.46
N PRO E 15 38.39 10.86 -2.44
CA PRO E 15 39.58 10.10 -2.01
C PRO E 15 39.25 8.65 -1.71
N GLY E 16 39.97 7.72 -2.31
CA GLY E 16 39.73 6.30 -2.11
C GLY E 16 38.64 5.77 -3.01
N ARG E 17 37.80 6.67 -3.50
CA ARG E 17 36.70 6.30 -4.40
C ARG E 17 36.97 6.76 -5.82
N GLY E 18 37.76 5.98 -6.55
CA GLY E 18 38.11 6.32 -7.94
C GLY E 18 38.10 7.77 -8.40
N GLU E 19 37.57 7.99 -9.61
CA GLU E 19 37.56 9.32 -10.21
C GLU E 19 36.57 10.26 -9.50
N PRO E 20 36.86 11.58 -9.51
CA PRO E 20 35.88 12.52 -9.00
C PRO E 20 34.55 12.49 -9.76
N ARG E 21 33.46 12.59 -9.00
CA ARG E 21 32.11 12.66 -9.56
C ARG E 21 31.97 13.95 -10.34
N PHE E 22 31.53 13.84 -11.59
CA PHE E 22 31.26 15.01 -12.39
C PHE E 22 29.83 14.99 -12.89
N ILE E 23 29.08 16.06 -12.58
CA ILE E 23 27.69 16.20 -12.96
C ILE E 23 27.50 17.54 -13.65
N ALA E 24 26.84 17.50 -14.80
CA ALA E 24 26.56 18.66 -15.60
C ALA E 24 25.06 18.73 -15.84
N VAL E 25 24.51 19.93 -15.87
CA VAL E 25 23.10 20.11 -16.13
C VAL E 25 22.90 21.39 -16.92
N GLY E 26 21.96 21.36 -17.85
CA GLY E 26 21.60 22.55 -18.64
C GLY E 26 20.16 22.90 -18.36
N TYR E 27 19.86 24.19 -18.36
CA TYR E 27 18.51 24.68 -18.16
C TYR E 27 18.19 25.75 -19.18
N VAL E 28 16.93 25.80 -19.63
CA VAL E 28 16.36 27.00 -20.25
C VAL E 28 15.32 27.53 -19.26
N ASP E 29 15.52 28.76 -18.79
CA ASP E 29 14.74 29.32 -17.67
C ASP E 29 14.69 28.31 -16.51
N ASP E 30 13.51 27.89 -16.06
CA ASP E 30 13.36 26.95 -14.93
C ASP E 30 13.19 25.49 -15.36
N THR E 31 13.47 25.18 -16.63
CA THR E 31 13.25 23.85 -17.19
C THR E 31 14.59 23.24 -17.54
N GLN E 32 14.91 22.11 -16.90
CA GLN E 32 16.09 21.36 -17.27
C GLN E 32 15.89 20.72 -18.63
N PHE E 33 16.93 20.70 -19.46
CA PHE E 33 16.87 20.09 -20.80
C PHE E 33 17.96 19.10 -21.14
N VAL E 34 19.10 19.11 -20.44
CA VAL E 34 20.18 18.14 -20.65
C VAL E 34 20.89 17.79 -19.34
N ARG E 35 21.52 16.63 -19.32
CA ARG E 35 22.33 16.20 -18.18
C ARG E 35 23.56 15.40 -18.62
N PHE E 36 24.56 15.37 -17.75
CA PHE E 36 25.65 14.39 -17.83
C PHE E 36 26.00 13.98 -16.41
N ASP E 37 26.29 12.69 -16.25
CA ASP E 37 26.77 12.14 -15.00
C ASP E 37 27.90 11.15 -15.29
N SER E 38 29.06 11.39 -14.69
CA SER E 38 30.24 10.55 -14.91
C SER E 38 30.09 9.12 -14.36
N ASP E 39 29.11 8.90 -13.48
CA ASP E 39 28.79 7.57 -12.95
C ASP E 39 27.79 6.77 -13.81
N ALA E 40 26.96 7.44 -14.61
CA ALA E 40 26.01 6.76 -15.51
C ALA E 40 26.70 5.86 -16.56
N ALA E 41 25.97 4.86 -17.04
CA ALA E 41 26.51 3.90 -18.00
C ALA E 41 26.70 4.51 -19.40
N SER E 42 25.83 5.45 -19.78
CA SER E 42 25.83 6.00 -21.15
C SER E 42 27.11 6.77 -21.51
N GLN E 43 27.63 7.55 -20.57
CA GLN E 43 28.83 8.33 -20.79
C GLN E 43 28.61 9.37 -21.89
N ARG E 44 27.43 9.98 -21.88
CA ARG E 44 27.10 10.98 -22.89
C ARG E 44 26.05 11.96 -22.39
N MET E 45 25.84 13.04 -23.13
CA MET E 45 24.88 14.06 -22.79
C MET E 45 23.50 13.52 -23.18
N GLU E 46 22.56 13.59 -22.24
CA GLU E 46 21.26 12.97 -22.39
C GLU E 46 20.18 14.04 -22.44
N PRO E 47 19.05 13.75 -23.11
CA PRO E 47 17.93 14.68 -23.08
C PRO E 47 17.13 14.55 -21.78
N ARG E 48 16.62 15.67 -21.30
CA ARG E 48 15.74 15.73 -20.12
C ARG E 48 14.48 16.56 -20.35
N ALA E 49 14.20 16.91 -21.62
CA ALA E 49 13.02 17.66 -22.00
C ALA E 49 12.61 17.20 -23.40
N PRO E 50 11.29 17.15 -23.68
CA PRO E 50 10.83 16.62 -24.99
C PRO E 50 11.44 17.34 -26.21
N TRP E 51 11.52 18.67 -26.12
CA TRP E 51 11.87 19.53 -27.25
C TRP E 51 13.35 19.50 -27.69
N ILE E 52 14.22 18.87 -26.89
CA ILE E 52 15.64 18.75 -27.25
C ILE E 52 15.92 17.44 -27.96
N GLU E 53 15.04 16.44 -27.82
CA GLU E 53 15.23 15.13 -28.47
C GLU E 53 15.27 15.19 -30.01
N GLN E 54 14.62 16.20 -30.59
CA GLN E 54 14.66 16.44 -32.04
C GLN E 54 16.01 16.93 -32.62
N GLU E 55 17.02 17.14 -31.77
CA GLU E 55 18.39 17.41 -32.25
C GLU E 55 18.98 16.07 -32.68
N GLY E 56 19.64 16.07 -33.83
CA GLY E 56 20.18 14.85 -34.42
C GLY E 56 21.47 14.40 -33.75
N PRO E 57 21.98 13.22 -34.12
CA PRO E 57 23.15 12.63 -33.43
C PRO E 57 24.44 13.46 -33.55
N GLU E 58 24.52 14.39 -34.51
CA GLU E 58 25.66 15.30 -34.61
C GLU E 58 25.74 16.23 -33.40
N TYR E 59 24.63 16.86 -33.03
CA TYR E 59 24.51 17.67 -31.81
C TYR E 59 24.91 16.87 -30.56
N TRP E 60 24.31 15.70 -30.37
CA TRP E 60 24.55 14.87 -29.18
C TRP E 60 26.02 14.43 -29.08
N ASP E 61 26.60 14.03 -30.20
CA ASP E 61 28.04 13.69 -30.25
C ASP E 61 28.92 14.87 -29.82
N GLY E 62 28.59 16.07 -30.31
CA GLY E 62 29.33 17.30 -29.97
C GLY E 62 29.23 17.66 -28.50
N GLU E 63 28.00 17.70 -27.99
CA GLU E 63 27.75 18.01 -26.57
C GLU E 63 28.39 16.98 -25.64
N THR E 64 28.35 15.72 -26.04
CA THR E 64 29.03 14.64 -25.31
C THR E 64 30.56 14.84 -25.26
N ARG E 65 31.16 15.17 -26.40
CA ARG E 65 32.62 15.41 -26.44
C ARG E 65 33.03 16.62 -25.61
N LYS E 66 32.27 17.71 -25.72
CA LYS E 66 32.50 18.94 -24.95
C LYS E 66 32.41 18.73 -23.44
N VAL E 67 31.35 18.07 -22.99
CA VAL E 67 31.14 17.84 -21.55
C VAL E 67 32.14 16.83 -20.96
N LYS E 68 32.61 15.87 -21.77
CA LYS E 68 33.68 14.95 -21.35
C LYS E 68 35.03 15.68 -21.22
N ALA E 69 35.27 16.64 -22.11
CA ALA E 69 36.44 17.52 -22.00
C ALA E 69 36.36 18.40 -20.74
N HIS E 70 35.20 19.04 -20.53
CA HIS E 70 34.93 19.82 -19.30
C HIS E 70 35.15 18.99 -18.03
N SER E 71 34.78 17.71 -18.08
CA SER E 71 34.99 16.79 -16.96
C SER E 71 36.46 16.60 -16.60
N GLN E 72 37.30 16.39 -17.61
CA GLN E 72 38.73 16.19 -17.40
C GLN E 72 39.38 17.48 -16.88
N THR E 73 39.14 18.59 -17.57
CA THR E 73 39.61 19.92 -17.13
C THR E 73 39.39 20.16 -15.64
N HIS E 74 38.21 19.81 -15.13
CA HIS E 74 37.88 20.08 -13.72
C HIS E 74 38.53 19.15 -12.73
N ARG E 75 38.84 17.92 -13.15
CA ARG E 75 39.59 17.02 -12.27
C ARG E 75 41.05 17.47 -12.13
N VAL E 76 41.58 18.10 -13.18
CA VAL E 76 42.88 18.80 -13.09
C VAL E 76 42.74 19.99 -12.13
N ASP E 77 41.70 20.81 -12.34
CA ASP E 77 41.45 22.00 -11.48
C ASP E 77 41.41 21.64 -10.01
N LEU E 78 40.83 20.49 -9.69
CA LEU E 78 40.83 19.98 -8.32
C LEU E 78 42.28 19.91 -7.78
N GLY E 79 43.17 19.31 -8.57
CA GLY E 79 44.59 19.22 -8.23
C GLY E 79 45.25 20.58 -8.14
N THR E 80 44.98 21.42 -9.15
CA THR E 80 45.54 22.76 -9.20
C THR E 80 45.21 23.56 -7.94
N LEU E 81 43.93 23.51 -7.53
CA LEU E 81 43.45 24.24 -6.34
C LEU E 81 43.92 23.61 -5.03
N ARG E 82 44.12 22.29 -5.03
CA ARG E 82 44.82 21.61 -3.92
C ARG E 82 46.14 22.33 -3.67
N GLY E 83 46.88 22.59 -4.75
CA GLY E 83 48.12 23.38 -4.73
C GLY E 83 48.00 24.82 -4.24
N TYR E 84 47.09 25.61 -4.83
CA TYR E 84 46.95 27.04 -4.50
C TYR E 84 46.58 27.34 -3.04
N TYR E 85 45.80 26.46 -2.41
CA TYR E 85 45.44 26.63 -0.99
C TYR E 85 46.32 25.83 -0.01
N ASN E 86 47.31 25.09 -0.53
CA ASN E 86 48.26 24.32 0.27
C ASN E 86 47.54 23.34 1.18
N GLN E 87 46.93 22.35 0.54
CA GLN E 87 46.13 21.33 1.20
C GLN E 87 46.82 19.99 0.95
N SER E 88 47.56 19.53 1.96
CA SER E 88 48.61 18.50 1.80
C SER E 88 48.12 17.07 1.51
N GLU E 89 46.91 16.73 1.94
CA GLU E 89 46.36 15.38 1.76
C GLU E 89 44.85 15.41 1.53
N ALA E 90 44.24 14.23 1.47
CA ALA E 90 42.79 14.09 1.30
C ALA E 90 42.01 14.71 2.48
N GLY E 91 40.88 15.37 2.23
CA GLY E 91 40.34 15.55 0.88
C GLY E 91 38.89 16.00 0.84
N SER E 92 38.19 15.53 -0.18
CA SER E 92 36.83 15.97 -0.54
C SER E 92 36.69 17.48 -0.66
N HIS E 93 36.82 17.95 -1.90
CA HIS E 93 36.63 19.35 -2.25
C HIS E 93 35.74 19.42 -3.46
N THR E 94 35.27 20.62 -3.77
CA THR E 94 34.27 20.81 -4.79
C THR E 94 34.60 22.00 -5.64
N VAL E 95 34.67 21.80 -6.94
CA VAL E 95 34.66 22.90 -7.90
C VAL E 95 33.26 23.00 -8.49
N GLN E 96 32.75 24.23 -8.57
CA GLN E 96 31.50 24.49 -9.26
C GLN E 96 31.74 25.55 -10.31
N ARG E 97 31.01 25.42 -11.42
CA ARG E 97 31.09 26.33 -12.54
C ARG E 97 29.69 26.49 -13.13
N MET E 98 29.35 27.74 -13.43
CA MET E 98 28.08 28.08 -14.01
C MET E 98 28.35 29.11 -15.09
N TYR E 99 27.70 28.94 -16.24
CA TYR E 99 27.68 29.99 -17.23
C TYR E 99 26.40 29.99 -18.04
N GLY E 100 26.15 31.13 -18.69
CA GLY E 100 24.94 31.31 -19.45
C GLY E 100 24.75 32.70 -20.01
N CYS E 101 23.59 32.90 -20.63
CA CYS E 101 23.25 34.16 -21.25
C CYS E 101 21.79 34.45 -21.01
N ASP E 102 21.48 35.73 -20.77
CA ASP E 102 20.10 36.21 -20.70
C ASP E 102 19.77 36.93 -21.99
N VAL E 103 18.52 36.82 -22.42
CA VAL E 103 17.95 37.69 -23.46
C VAL E 103 16.73 38.42 -22.90
N GLY E 104 16.43 39.58 -23.49
CA GLY E 104 15.34 40.45 -23.03
C GLY E 104 14.02 40.17 -23.74
N SER E 105 13.06 41.09 -23.55
CA SER E 105 11.78 41.12 -24.31
C SER E 105 11.97 40.76 -25.77
N ASP E 106 12.90 41.47 -26.41
CA ASP E 106 13.23 41.32 -27.84
C ASP E 106 13.98 40.04 -28.26
N TRP E 107 14.36 39.21 -27.29
CA TRP E 107 15.16 37.98 -27.51
C TRP E 107 16.57 38.25 -28.03
N ARG E 108 17.06 39.48 -27.86
CA ARG E 108 18.44 39.86 -28.19
C ARG E 108 19.28 39.79 -26.91
N PHE E 109 20.58 39.57 -27.06
CA PHE E 109 21.51 39.54 -25.92
C PHE E 109 21.19 40.64 -24.89
N LEU E 110 21.16 40.24 -23.63
CA LEU E 110 20.93 41.15 -22.50
C LEU E 110 22.14 41.15 -21.58
N ARG E 111 22.59 39.97 -21.14
CA ARG E 111 23.81 39.84 -20.34
C ARG E 111 24.31 38.40 -20.33
N GLY E 112 25.60 38.25 -20.04
CA GLY E 112 26.27 36.95 -19.96
C GLY E 112 26.98 36.82 -18.63
N TYR E 113 27.29 35.59 -18.25
CA TYR E 113 27.96 35.31 -16.98
C TYR E 113 28.74 34.00 -17.06
N HIS E 114 29.79 33.93 -16.25
CA HIS E 114 30.68 32.79 -16.22
C HIS E 114 31.45 32.85 -14.92
N GLN E 115 31.24 31.88 -14.04
CA GLN E 115 31.80 31.93 -12.71
C GLN E 115 32.12 30.55 -12.16
N TYR E 116 33.04 30.54 -11.18
CA TYR E 116 33.50 29.35 -10.49
C TYR E 116 33.45 29.55 -8.98
N ALA E 117 33.29 28.44 -8.27
CA ALA E 117 33.39 28.43 -6.83
C ALA E 117 34.20 27.22 -6.42
N TYR E 118 34.85 27.33 -5.28
CA TYR E 118 35.64 26.26 -4.72
C TYR E 118 35.20 26.06 -3.31
N ASP E 119 34.79 24.84 -2.98
CA ASP E 119 34.20 24.50 -1.67
C ASP E 119 33.07 25.43 -1.24
N GLY E 120 32.23 25.80 -2.20
CA GLY E 120 31.00 26.57 -1.96
C GLY E 120 31.13 28.07 -1.83
N LYS E 121 32.31 28.61 -2.12
CA LYS E 121 32.60 30.05 -2.02
C LYS E 121 33.08 30.56 -3.37
N ASP E 122 32.71 31.79 -3.72
CA ASP E 122 33.19 32.46 -4.94
C ASP E 122 34.69 32.28 -5.13
N TYR E 123 35.10 31.98 -6.36
CA TYR E 123 36.52 31.88 -6.71
C TYR E 123 36.86 32.94 -7.75
N ILE E 124 36.29 32.82 -8.94
CA ILE E 124 36.54 33.77 -10.01
C ILE E 124 35.27 33.92 -10.85
N ALA E 125 35.03 35.13 -11.35
CA ALA E 125 33.85 35.41 -12.17
C ALA E 125 34.19 36.44 -13.23
N LEU E 126 33.68 36.20 -14.44
CA LEU E 126 33.73 37.20 -15.51
C LEU E 126 32.83 38.37 -15.10
N LYS E 127 33.34 39.59 -15.15
CA LYS E 127 32.51 40.79 -14.88
C LYS E 127 31.46 41.01 -15.98
N GLU E 128 30.49 41.86 -15.67
CA GLU E 128 29.39 42.22 -16.57
C GLU E 128 29.85 42.65 -17.96
N ASP E 129 30.94 43.41 -18.03
CA ASP E 129 31.51 43.85 -19.33
C ASP E 129 32.01 42.71 -20.26
N LEU E 130 32.14 41.50 -19.71
CA LEU E 130 32.65 40.31 -20.44
C LEU E 130 34.09 40.50 -20.96
N ARG E 131 34.84 41.39 -20.30
CA ARG E 131 36.21 41.75 -20.69
C ARG E 131 37.26 41.45 -19.60
N SER E 132 36.88 41.60 -18.32
CA SER E 132 37.78 41.43 -17.18
C SER E 132 37.17 40.49 -16.12
N TRP E 133 37.98 40.18 -15.10
CA TRP E 133 37.65 39.16 -14.10
C TRP E 133 37.61 39.75 -12.71
N THR E 134 36.92 39.04 -11.81
CA THR E 134 36.89 39.36 -10.38
C THR E 134 37.40 38.14 -9.64
N ALA E 135 38.63 38.24 -9.13
CA ALA E 135 39.16 37.24 -8.24
C ALA E 135 38.54 37.49 -6.86
N ALA E 136 37.81 36.50 -6.36
CA ALA E 136 37.19 36.59 -5.02
C ALA E 136 38.25 36.47 -3.94
N ASP E 137 39.35 35.79 -4.29
CA ASP E 137 40.46 35.47 -3.41
C ASP E 137 41.76 36.04 -3.92
N MET E 138 42.74 36.08 -3.03
CA MET E 138 44.13 36.26 -3.41
C MET E 138 44.67 35.00 -4.12
N ALA E 139 44.21 33.81 -3.69
CA ALA E 139 44.48 32.58 -4.44
C ALA E 139 44.04 32.64 -5.91
N ALA E 140 42.80 33.08 -6.13
CA ALA E 140 42.23 33.21 -7.47
C ALA E 140 42.92 34.24 -8.38
N GLN E 141 43.68 35.16 -7.78
CA GLN E 141 44.50 36.10 -8.56
C GLN E 141 45.46 35.40 -9.54
N THR E 142 46.01 34.26 -9.16
CA THR E 142 46.85 33.47 -10.06
C THR E 142 46.07 33.07 -11.33
N THR E 143 44.85 32.59 -11.16
CA THR E 143 43.98 32.25 -12.31
C THR E 143 43.59 33.49 -13.13
N LYS E 144 43.19 34.55 -12.43
CA LYS E 144 42.91 35.84 -13.05
C LYS E 144 44.05 36.27 -13.97
N HIS E 145 45.25 36.35 -13.41
CA HIS E 145 46.45 36.83 -14.12
C HIS E 145 46.73 36.00 -15.38
N LYS E 146 46.66 34.68 -15.22
CA LYS E 146 46.86 33.74 -16.30
C LYS E 146 45.82 33.89 -17.42
N TRP E 147 44.54 33.99 -17.04
CA TRP E 147 43.46 34.13 -18.03
C TRP E 147 43.46 35.49 -18.73
N GLU E 148 43.82 36.54 -18.00
CA GLU E 148 44.03 37.86 -18.62
C GLU E 148 45.11 37.80 -19.69
N ALA E 149 46.21 37.11 -19.38
CA ALA E 149 47.35 36.99 -20.30
C ALA E 149 47.01 36.15 -21.54
N ALA E 150 46.22 35.09 -21.36
CA ALA E 150 45.79 34.25 -22.50
C ALA E 150 44.58 34.78 -23.29
N HIS E 151 43.99 35.90 -22.86
CA HIS E 151 42.79 36.47 -23.47
C HIS E 151 41.57 35.53 -23.41
N VAL E 152 41.36 34.90 -22.27
CA VAL E 152 40.24 33.96 -22.11
C VAL E 152 38.89 34.69 -22.28
N ALA E 153 38.79 35.92 -21.77
CA ALA E 153 37.55 36.69 -21.78
C ALA E 153 36.95 36.83 -23.17
N GLU E 154 37.76 37.20 -24.16
CA GLU E 154 37.25 37.45 -25.52
C GLU E 154 36.61 36.18 -26.14
N GLN E 155 37.19 35.01 -25.84
CA GLN E 155 36.61 33.72 -26.29
C GLN E 155 35.24 33.47 -25.66
N LEU E 156 35.16 33.65 -24.34
CA LEU E 156 33.91 33.49 -23.61
C LEU E 156 32.86 34.49 -24.08
N ARG E 157 33.26 35.77 -24.16
CA ARG E 157 32.40 36.85 -24.67
C ARG E 157 31.71 36.51 -25.99
N ALA E 158 32.46 35.96 -26.94
CA ALA E 158 31.94 35.64 -28.28
C ALA E 158 30.84 34.57 -28.23
N TYR E 159 31.05 33.53 -27.42
CA TYR E 159 30.02 32.51 -27.15
C TYR E 159 28.81 33.07 -26.46
N LEU E 160 29.04 33.81 -25.38
CA LEU E 160 27.96 34.33 -24.55
C LEU E 160 27.07 35.31 -25.32
N GLU E 161 27.70 36.13 -26.16
CA GLU E 161 26.99 37.07 -27.04
C GLU E 161 26.57 36.47 -28.39
N GLY E 162 27.11 35.31 -28.74
CA GLY E 162 26.84 34.65 -30.03
C GLY E 162 26.12 33.32 -29.89
N THR E 163 26.88 32.22 -29.91
CA THR E 163 26.35 30.84 -29.91
C THR E 163 25.32 30.57 -28.81
N CYS E 164 25.56 31.10 -27.61
CA CYS E 164 24.65 30.93 -26.45
C CYS E 164 23.25 31.47 -26.74
N VAL E 165 23.22 32.72 -27.21
CA VAL E 165 21.97 33.42 -27.50
C VAL E 165 21.22 32.83 -28.70
N GLU E 166 21.95 32.46 -29.75
CA GLU E 166 21.35 31.84 -30.94
C GLU E 166 20.64 30.55 -30.58
N TRP E 167 21.38 29.64 -29.93
CA TRP E 167 20.83 28.33 -29.58
C TRP E 167 19.80 28.37 -28.46
N LEU E 168 19.80 29.43 -27.66
CA LEU E 168 18.70 29.69 -26.72
C LEU E 168 17.42 29.97 -27.52
N ARG E 169 17.50 30.93 -28.43
CA ARG E 169 16.39 31.29 -29.30
C ARG E 169 15.85 30.08 -30.06
N ARG E 170 16.77 29.26 -30.57
CA ARG E 170 16.44 27.99 -31.22
C ARG E 170 15.60 27.08 -30.32
N TYR E 171 15.99 26.96 -29.04
CA TYR E 171 15.29 26.11 -28.06
C TYR E 171 13.94 26.68 -27.67
N LEU E 172 13.91 27.98 -27.40
CA LEU E 172 12.67 28.74 -27.21
C LEU E 172 11.60 28.52 -28.30
N GLU E 173 12.04 28.35 -29.55
CA GLU E 173 11.14 28.12 -30.68
C GLU E 173 10.75 26.65 -30.76
N ASN E 174 11.73 25.75 -30.71
CA ASN E 174 11.47 24.30 -30.74
C ASN E 174 10.61 23.85 -29.56
N GLY E 175 10.89 24.41 -28.38
CA GLY E 175 10.12 24.13 -27.16
C GLY E 175 9.05 25.14 -26.83
N LYS E 176 8.53 25.83 -27.85
CA LYS E 176 7.47 26.84 -27.75
C LYS E 176 6.31 26.45 -26.83
N GLU E 177 5.83 25.22 -26.98
CA GLU E 177 4.64 24.74 -26.27
C GLU E 177 4.85 24.65 -24.75
N THR E 178 6.08 24.34 -24.35
CA THR E 178 6.48 24.31 -22.93
C THR E 178 7.05 25.65 -22.47
N LEU E 179 8.07 26.14 -23.18
CA LEU E 179 8.92 27.20 -22.68
C LEU E 179 8.28 28.58 -22.69
N GLN E 180 7.40 28.84 -23.64
CA GLN E 180 6.73 30.14 -23.74
C GLN E 180 5.32 30.12 -23.15
N ARG E 181 4.97 29.00 -22.50
CA ARG E 181 3.71 28.89 -21.77
C ARG E 181 3.91 29.35 -20.33
N THR E 182 3.05 30.26 -19.90
CA THR E 182 2.91 30.64 -18.51
C THR E 182 1.71 29.90 -17.91
N ASP E 183 1.87 29.42 -16.68
CA ASP E 183 0.80 28.78 -15.91
C ASP E 183 0.62 29.61 -14.65
N ALA E 184 -0.53 30.25 -14.53
CA ALA E 184 -0.86 31.03 -13.35
C ALA E 184 -1.10 30.10 -12.21
N PRO E 185 -0.83 30.57 -10.97
CA PRO E 185 -1.06 29.69 -9.83
C PRO E 185 -2.55 29.41 -9.55
N LYS E 186 -2.87 28.14 -9.32
CA LYS E 186 -4.14 27.77 -8.68
C LYS E 186 -3.99 28.07 -7.20
N THR E 187 -4.86 28.92 -6.67
CA THR E 187 -4.72 29.41 -5.31
C THR E 187 -5.89 28.98 -4.45
N HIS E 188 -5.61 28.78 -3.17
CA HIS E 188 -6.65 28.56 -2.17
C HIS E 188 -6.08 28.80 -0.78
N MET E 189 -6.97 28.86 0.20
CA MET E 189 -6.61 29.09 1.59
C MET E 189 -7.13 27.95 2.43
N THR E 190 -6.33 27.47 3.37
CA THR E 190 -6.75 26.45 4.35
C THR E 190 -6.70 27.08 5.75
N HIS E 191 -7.39 26.42 6.68
CA HIS E 191 -7.54 26.89 8.06
C HIS E 191 -7.18 25.74 8.97
N HIS E 192 -6.35 26.01 9.96
CA HIS E 192 -5.85 24.99 10.88
C HIS E 192 -5.89 25.57 12.28
N ALA E 193 -6.83 25.08 13.08
CA ALA E 193 -6.97 25.51 14.48
C ALA E 193 -5.74 25.06 15.26
N VAL E 194 -5.31 25.91 16.18
CA VAL E 194 -4.21 25.59 17.10
C VAL E 194 -4.74 25.44 18.51
N SER E 195 -5.42 26.48 18.98
CA SER E 195 -5.97 26.53 20.34
C SER E 195 -7.34 27.17 20.33
N ASP E 196 -7.93 27.24 21.53
CA ASP E 196 -9.13 28.03 21.80
C ASP E 196 -8.95 29.46 21.31
N HIS E 197 -7.78 30.03 21.58
CA HIS E 197 -7.49 31.43 21.26
C HIS E 197 -7.18 31.66 19.76
N GLU E 198 -6.23 30.92 19.20
CA GLU E 198 -5.69 31.23 17.85
C GLU E 198 -5.64 30.07 16.85
N ALA E 199 -5.54 30.43 15.57
CA ALA E 199 -5.54 29.49 14.43
C ALA E 199 -4.60 29.94 13.30
N THR E 200 -4.21 29.01 12.43
CA THR E 200 -3.33 29.29 11.29
C THR E 200 -4.08 29.34 9.97
N LEU E 201 -3.97 30.46 9.25
CA LEU E 201 -4.38 30.53 7.84
C LEU E 201 -3.16 30.33 6.92
N ARG E 202 -3.25 29.35 6.03
CA ARG E 202 -2.20 29.05 5.07
C ARG E 202 -2.74 29.35 3.69
N CYS E 203 -2.06 30.26 3.00
CA CYS E 203 -2.38 30.62 1.63
C CYS E 203 -1.50 29.81 0.69
N TRP E 204 -2.13 29.10 -0.25
CA TRP E 204 -1.43 28.21 -1.17
C TRP E 204 -1.44 28.74 -2.60
N ALA E 205 -0.34 28.51 -3.30
CA ALA E 205 -0.25 28.65 -4.74
C ALA E 205 0.37 27.37 -5.30
N LEU E 206 -0.26 26.80 -6.33
CA LEU E 206 0.11 25.49 -6.88
C LEU E 206 0.11 25.53 -8.41
N SER E 207 0.78 24.56 -9.01
CA SER E 207 0.85 24.42 -10.47
C SER E 207 1.13 25.72 -11.24
N PHE E 208 2.16 26.45 -10.82
CA PHE E 208 2.58 27.62 -11.57
C PHE E 208 3.94 27.39 -12.26
N TYR E 209 4.11 28.10 -13.37
CA TYR E 209 5.37 28.21 -14.11
C TYR E 209 5.39 29.60 -14.75
N PRO E 210 6.50 30.36 -14.68
CA PRO E 210 7.77 30.00 -14.03
C PRO E 210 7.74 30.09 -12.51
N ALA E 211 8.89 29.85 -11.87
CA ALA E 211 8.98 29.71 -10.40
C ALA E 211 8.75 31.00 -9.62
N GLU E 212 9.17 32.13 -10.19
CA GLU E 212 8.99 33.46 -9.57
C GLU E 212 7.53 33.72 -9.15
N ILE E 213 7.33 34.05 -7.88
CA ILE E 213 6.01 34.34 -7.33
C ILE E 213 6.18 35.12 -6.04
N THR E 214 5.20 35.92 -5.64
CA THR E 214 5.21 36.57 -4.32
C THR E 214 3.89 36.28 -3.59
N LEU E 215 3.99 35.76 -2.38
CA LEU E 215 2.88 35.54 -1.47
C LEU E 215 3.11 36.40 -0.23
N THR E 216 2.22 37.35 0.02
CA THR E 216 2.27 38.19 1.22
C THR E 216 0.91 38.24 1.90
N TRP E 217 0.93 38.48 3.21
CA TRP E 217 -0.26 38.56 4.05
C TRP E 217 -0.47 40.01 4.48
N GLN E 218 -1.73 40.41 4.57
CA GLN E 218 -2.11 41.75 5.03
C GLN E 218 -3.19 41.65 6.10
N ARG E 219 -3.02 42.45 7.16
CA ARG E 219 -3.97 42.56 8.27
C ARG E 219 -4.54 43.99 8.25
N ASP E 220 -5.81 44.11 7.82
CA ASP E 220 -6.48 45.40 7.62
C ASP E 220 -5.75 46.29 6.59
N GLY E 221 -5.15 45.67 5.56
CA GLY E 221 -4.36 46.41 4.58
C GLY E 221 -2.90 46.66 4.95
N GLU E 222 -2.49 46.28 6.16
CA GLU E 222 -1.15 46.52 6.70
C GLU E 222 -0.33 45.23 6.58
N ASP E 223 0.82 45.27 5.89
CA ASP E 223 1.60 44.06 5.63
C ASP E 223 2.10 43.36 6.91
N GLN E 224 2.17 42.03 6.86
CA GLN E 224 2.47 41.19 8.03
C GLN E 224 3.72 40.34 7.85
N THR E 225 4.65 40.78 7.01
CA THR E 225 5.82 39.98 6.60
C THR E 225 6.62 39.37 7.76
N GLN E 226 6.70 40.09 8.89
CA GLN E 226 7.46 39.61 10.06
C GLN E 226 6.80 38.44 10.82
N ASP E 227 5.46 38.44 10.88
CA ASP E 227 4.71 37.38 11.59
C ASP E 227 4.30 36.20 10.66
N THR E 228 4.89 36.16 9.46
CA THR E 228 4.51 35.23 8.42
C THR E 228 5.57 34.12 8.32
N GLU E 229 5.11 32.89 8.11
CA GLU E 229 5.95 31.76 7.73
C GLU E 229 5.79 31.54 6.22
N LEU E 230 6.91 31.56 5.50
CA LEU E 230 7.00 31.19 4.09
C LEU E 230 7.80 29.90 4.01
N VAL E 231 7.48 29.07 3.03
CA VAL E 231 8.40 28.00 2.62
C VAL E 231 9.01 28.47 1.31
N GLU E 232 10.18 27.94 1.00
CA GLU E 232 10.78 28.29 -0.27
C GLU E 232 10.03 27.58 -1.39
N THR E 233 9.96 28.24 -2.55
CA THR E 233 9.36 27.68 -3.75
C THR E 233 9.98 26.33 -4.06
N ARG E 234 9.14 25.36 -4.41
CA ARG E 234 9.54 23.96 -4.53
C ARG E 234 8.95 23.38 -5.81
N PRO E 235 9.66 22.47 -6.48
CA PRO E 235 9.11 21.84 -7.68
C PRO E 235 8.07 20.75 -7.36
N ALA E 236 6.98 20.75 -8.11
CA ALA E 236 5.97 19.70 -8.01
C ALA E 236 6.44 18.37 -8.58
N GLY E 237 7.34 18.44 -9.57
CA GLY E 237 7.86 17.25 -10.26
C GLY E 237 7.25 17.03 -11.63
N ASP E 238 6.33 17.90 -12.03
CA ASP E 238 5.67 17.86 -13.34
C ASP E 238 6.03 19.10 -14.16
N GLY E 239 7.14 19.77 -13.80
CA GLY E 239 7.53 21.04 -14.41
C GLY E 239 6.87 22.29 -13.85
N THR E 240 6.02 22.15 -12.82
CA THR E 240 5.41 23.32 -12.17
C THR E 240 5.94 23.44 -10.74
N PHE E 241 5.60 24.54 -10.09
CA PHE E 241 6.10 24.86 -8.75
C PHE E 241 4.96 25.10 -7.75
N GLN E 242 5.32 25.06 -6.46
CA GLN E 242 4.39 25.29 -5.35
C GLN E 242 5.01 26.23 -4.35
N LYS E 243 4.17 26.94 -3.62
CA LYS E 243 4.60 27.75 -2.51
C LYS E 243 3.43 28.03 -1.59
N TRP E 244 3.70 28.19 -0.30
CA TRP E 244 2.70 28.69 0.63
C TRP E 244 3.24 29.74 1.58
N ALA E 245 2.31 30.50 2.15
CA ALA E 245 2.58 31.52 3.16
C ALA E 245 1.50 31.37 4.22
N ALA E 246 1.92 31.34 5.49
CA ALA E 246 0.98 31.16 6.61
C ALA E 246 1.12 32.25 7.67
N VAL E 247 0.02 32.51 8.37
CA VAL E 247 -0.01 33.50 9.46
C VAL E 247 -0.90 32.99 10.61
N VAL E 248 -0.44 33.22 11.85
CA VAL E 248 -1.20 32.83 13.05
C VAL E 248 -2.13 33.98 13.47
N VAL E 249 -3.43 33.71 13.46
CA VAL E 249 -4.48 34.69 13.64
C VAL E 249 -5.30 34.34 14.91
N PRO E 250 -5.70 35.35 15.71
CA PRO E 250 -6.67 35.09 16.81
C PRO E 250 -8.05 34.66 16.29
N SER E 251 -8.75 33.79 17.03
CA SER E 251 -10.01 33.18 16.56
C SER E 251 -11.12 34.19 16.29
N GLY E 252 -12.04 33.81 15.40
CA GLY E 252 -13.13 34.67 14.95
C GLY E 252 -12.73 35.95 14.22
N GLN E 253 -11.44 36.06 13.87
CA GLN E 253 -10.84 37.31 13.40
C GLN E 253 -10.16 37.09 12.02
N GLU E 254 -10.58 36.04 11.32
CA GLU E 254 -9.96 35.61 10.06
C GLU E 254 -10.37 36.54 8.90
N GLN E 255 -11.44 37.31 9.08
CA GLN E 255 -11.92 38.23 8.06
C GLN E 255 -10.93 39.36 7.75
N ARG E 256 -10.18 39.79 8.78
CA ARG E 256 -9.25 40.92 8.68
C ARG E 256 -7.96 40.62 7.89
N TYR E 257 -7.65 39.33 7.71
CA TYR E 257 -6.44 38.91 7.03
C TYR E 257 -6.69 38.59 5.56
N THR E 258 -5.77 39.03 4.70
CA THR E 258 -5.85 38.80 3.26
C THR E 258 -4.50 38.35 2.69
N CYS E 259 -4.55 37.39 1.77
CA CYS E 259 -3.35 36.89 1.10
C CYS E 259 -3.26 37.52 -0.27
N HIS E 260 -2.06 37.96 -0.64
CA HIS E 260 -1.85 38.63 -1.91
C HIS E 260 -0.87 37.84 -2.77
N VAL E 261 -1.28 37.57 -4.01
CA VAL E 261 -0.54 36.68 -4.91
C VAL E 261 -0.15 37.47 -6.18
N GLN E 262 1.12 37.39 -6.54
CA GLN E 262 1.64 38.10 -7.71
C GLN E 262 2.38 37.09 -8.55
N HIS E 263 1.96 36.95 -9.81
CA HIS E 263 2.62 36.07 -10.74
C HIS E 263 2.45 36.61 -12.15
N GLU E 264 3.45 36.33 -13.00
CA GLU E 264 3.49 36.75 -14.40
C GLU E 264 2.21 36.37 -15.20
N GLY E 265 1.66 35.19 -14.93
CA GLY E 265 0.37 34.72 -15.47
C GLY E 265 -0.91 35.25 -14.83
N LEU E 266 -0.79 36.07 -13.79
CA LEU E 266 -1.92 36.82 -13.25
C LEU E 266 -1.93 38.24 -13.84
N PRO E 267 -2.91 38.56 -14.74
CA PRO E 267 -2.98 39.93 -15.28
C PRO E 267 -3.04 40.99 -14.19
N LYS E 268 -3.94 40.80 -13.22
CA LYS E 268 -3.95 41.57 -11.97
C LYS E 268 -3.63 40.66 -10.78
N PRO E 269 -2.98 41.19 -9.74
CA PRO E 269 -2.75 40.38 -8.55
C PRO E 269 -4.05 40.01 -7.82
N LEU E 270 -4.08 38.82 -7.22
CA LEU E 270 -5.26 38.31 -6.53
C LEU E 270 -5.25 38.66 -5.07
N THR E 271 -6.45 38.72 -4.50
CA THR E 271 -6.65 38.87 -3.07
C THR E 271 -7.57 37.72 -2.65
N LEU E 272 -7.10 36.90 -1.70
CA LEU E 272 -7.88 35.81 -1.11
C LEU E 272 -8.21 36.19 0.33
N ARG E 273 -9.35 35.74 0.85
CA ARG E 273 -9.88 36.27 2.12
C ARG E 273 -10.19 35.27 3.27
N TRP E 274 -10.76 34.10 2.95
CA TRP E 274 -11.39 33.17 3.94
C TRP E 274 -12.76 33.68 4.41
N ILE F 1 33.32 26.10 4.92
CA ILE F 1 31.99 26.24 5.63
C ILE F 1 30.97 25.27 5.00
N GLN F 2 30.06 24.75 5.84
CA GLN F 2 29.10 23.73 5.43
C GLN F 2 27.70 24.24 5.66
N ARG F 3 26.74 23.72 4.89
CA ARG F 3 25.34 24.13 5.02
C ARG F 3 24.43 22.93 5.12
N THR F 4 23.56 22.94 6.12
CA THR F 4 22.66 21.84 6.37
C THR F 4 21.40 21.97 5.49
N PRO F 5 20.87 20.84 4.97
CA PRO F 5 19.76 20.95 4.04
C PRO F 5 18.45 21.37 4.68
N LYS F 6 17.74 22.27 4.02
CA LYS F 6 16.31 22.41 4.27
C LYS F 6 15.64 21.20 3.63
N ILE F 7 14.51 20.80 4.20
CA ILE F 7 13.84 19.56 3.81
C ILE F 7 12.34 19.81 3.78
N GLN F 8 11.72 19.62 2.62
CA GLN F 8 10.27 19.66 2.51
C GLN F 8 9.76 18.35 1.96
N VAL F 9 8.76 17.80 2.64
CA VAL F 9 8.14 16.56 2.24
C VAL F 9 6.72 16.92 1.89
N TYR F 10 6.29 16.58 0.68
CA TYR F 10 5.01 17.06 0.17
C TYR F 10 4.60 16.22 -1.02
N SER F 11 3.38 16.45 -1.51
CA SER F 11 2.83 15.67 -2.59
C SER F 11 2.74 16.53 -3.83
N ARG F 12 2.86 15.90 -5.01
CA ARG F 12 2.71 16.63 -6.28
C ARG F 12 1.33 17.26 -6.39
N HIS F 13 0.31 16.44 -6.16
CA HIS F 13 -1.08 16.88 -6.26
C HIS F 13 -1.72 16.95 -4.86
N PRO F 14 -2.83 17.71 -4.72
CA PRO F 14 -3.53 17.73 -3.42
C PRO F 14 -3.88 16.31 -2.95
N ALA F 15 -3.59 16.02 -1.69
CA ALA F 15 -3.74 14.67 -1.17
C ALA F 15 -5.20 14.24 -1.05
N GLU F 16 -5.53 13.10 -1.68
CA GLU F 16 -6.83 12.43 -1.52
C GLU F 16 -6.52 10.97 -1.16
N ASN F 17 -7.17 10.46 -0.11
CA ASN F 17 -6.97 9.09 0.34
C ASN F 17 -7.51 8.08 -0.66
N GLY F 18 -6.62 7.24 -1.20
CA GLY F 18 -7.01 6.24 -2.16
C GLY F 18 -6.51 6.56 -3.56
N LYS F 19 -6.22 7.83 -3.80
CA LYS F 19 -5.75 8.27 -5.07
C LYS F 19 -4.21 8.33 -5.18
N SER F 20 -3.68 7.70 -6.22
CA SER F 20 -2.25 7.68 -6.50
C SER F 20 -1.74 9.08 -6.78
N ASN F 21 -0.55 9.35 -6.28
CA ASN F 21 0.00 10.68 -6.26
C ASN F 21 1.51 10.51 -6.36
N PHE F 22 2.26 11.58 -6.19
CA PHE F 22 3.72 11.51 -6.11
C PHE F 22 4.19 12.15 -4.81
N LEU F 23 4.97 11.39 -4.04
CA LEU F 23 5.55 11.88 -2.79
C LEU F 23 6.90 12.50 -3.15
N ASN F 24 7.05 13.77 -2.83
CA ASN F 24 8.28 14.53 -3.08
C ASN F 24 9.07 14.77 -1.80
N CYS F 25 10.39 14.66 -1.89
CA CYS F 25 11.28 15.20 -0.88
C CYS F 25 12.27 16.14 -1.53
N TYR F 26 12.16 17.41 -1.20
CA TYR F 26 13.00 18.44 -1.79
C TYR F 26 14.03 18.86 -0.74
N VAL F 27 15.31 18.66 -1.06
CA VAL F 27 16.43 19.04 -0.19
C VAL F 27 17.19 20.14 -0.90
N SER F 28 17.52 21.21 -0.18
CA SER F 28 18.04 22.43 -0.78
C SER F 28 18.92 23.24 0.18
N GLY F 29 19.67 24.17 -0.40
CA GLY F 29 20.50 25.06 0.39
C GLY F 29 21.63 24.38 1.12
N PHE F 30 22.06 23.20 0.64
CA PHE F 30 23.06 22.38 1.36
C PHE F 30 24.40 22.40 0.68
N HIS F 31 25.44 22.14 1.48
CA HIS F 31 26.84 22.07 1.02
C HIS F 31 27.68 21.26 2.00
N PRO F 32 28.52 20.34 1.55
CA PRO F 32 28.77 19.96 0.14
C PRO F 32 27.65 19.11 -0.49
N SER F 33 27.86 18.59 -1.70
CA SER F 33 26.81 17.94 -2.46
C SER F 33 26.41 16.53 -2.02
N ASP F 34 27.31 15.77 -1.40
CA ASP F 34 27.01 14.37 -1.02
C ASP F 34 25.88 14.31 0.01
N ILE F 35 24.90 13.47 -0.29
CA ILE F 35 23.67 13.43 0.48
C ILE F 35 22.96 12.10 0.21
N GLU F 36 22.40 11.53 1.26
CA GLU F 36 21.60 10.33 1.16
C GLU F 36 20.17 10.81 1.40
N VAL F 37 19.26 10.48 0.49
CA VAL F 37 17.84 10.75 0.67
C VAL F 37 17.05 9.47 0.38
N ASP F 38 16.27 9.02 1.36
CA ASP F 38 15.35 7.91 1.19
C ASP F 38 13.94 8.37 1.49
N LEU F 39 12.97 7.82 0.76
CA LEU F 39 11.57 7.97 1.08
C LEU F 39 11.14 6.71 1.82
N LEU F 40 10.38 6.90 2.89
CA LEU F 40 10.01 5.81 3.80
C LEU F 40 8.50 5.58 3.82
N LYS F 41 8.11 4.33 4.02
CA LYS F 41 6.73 3.94 4.25
C LYS F 41 6.76 3.10 5.52
N ASN F 42 6.10 3.59 6.57
CA ASN F 42 6.12 2.93 7.89
C ASN F 42 7.53 2.57 8.36
N GLY F 43 8.47 3.51 8.20
CA GLY F 43 9.85 3.30 8.63
C GLY F 43 10.74 2.50 7.69
N GLU F 44 10.16 1.92 6.64
CA GLU F 44 10.90 1.06 5.70
C GLU F 44 11.21 1.81 4.40
N ARG F 45 12.43 1.61 3.91
CA ARG F 45 12.93 2.25 2.70
C ARG F 45 12.15 1.82 1.44
N ILE F 46 11.64 2.78 0.68
CA ILE F 46 10.99 2.51 -0.60
C ILE F 46 12.06 2.36 -1.69
N GLU F 47 12.05 1.23 -2.40
CA GLU F 47 12.91 1.01 -3.57
C GLU F 47 12.45 1.88 -4.73
N LYS F 48 13.23 1.94 -5.81
CA LYS F 48 12.79 2.56 -7.07
C LYS F 48 12.73 4.10 -7.07
N VAL F 49 12.97 4.74 -5.91
CA VAL F 49 12.87 6.20 -5.79
C VAL F 49 13.76 6.88 -6.82
N GLU F 50 13.23 7.90 -7.50
CA GLU F 50 13.99 8.66 -8.49
C GLU F 50 14.33 10.03 -7.96
N HIS F 51 15.33 10.67 -8.57
CA HIS F 51 15.72 12.02 -8.22
C HIS F 51 16.16 12.85 -9.39
N SER F 52 16.04 14.16 -9.25
CA SER F 52 16.54 15.11 -10.25
C SER F 52 18.07 15.10 -10.29
N ASP F 53 18.61 15.78 -11.30
CA ASP F 53 20.06 15.90 -11.45
C ASP F 53 20.59 17.03 -10.61
N LEU F 54 21.70 16.76 -9.92
CA LEU F 54 22.38 17.73 -9.05
C LEU F 54 22.52 19.09 -9.71
N SER F 55 22.00 20.11 -9.03
CA SER F 55 22.19 21.47 -9.48
C SER F 55 22.32 22.38 -8.28
N PHE F 56 22.56 23.67 -8.55
CA PHE F 56 22.80 24.63 -7.49
C PHE F 56 22.26 26.02 -7.79
N SER F 57 22.06 26.77 -6.70
CA SER F 57 21.52 28.13 -6.70
C SER F 57 22.68 29.14 -6.82
N LYS F 58 22.32 30.42 -6.78
CA LYS F 58 23.28 31.54 -6.85
C LYS F 58 24.35 31.58 -5.75
N ASP F 59 23.96 31.27 -4.53
CA ASP F 59 24.90 31.12 -3.41
C ASP F 59 25.74 29.83 -3.45
N TRP F 60 25.65 29.09 -4.56
CA TRP F 60 26.37 27.85 -4.83
C TRP F 60 25.88 26.63 -4.03
N SER F 61 24.88 26.81 -3.17
CA SER F 61 24.29 25.70 -2.44
C SER F 61 23.43 24.83 -3.34
N PHE F 62 23.39 23.54 -3.00
CA PHE F 62 22.81 22.53 -3.86
C PHE F 62 21.33 22.29 -3.59
N TYR F 63 20.63 21.76 -4.60
CA TYR F 63 19.27 21.27 -4.38
C TYR F 63 18.98 20.02 -5.22
N LEU F 64 18.12 19.15 -4.66
CA LEU F 64 17.67 17.92 -5.32
C LEU F 64 16.19 17.65 -4.98
N LEU F 65 15.48 16.99 -5.90
CA LEU F 65 14.13 16.49 -5.64
C LEU F 65 14.17 14.99 -5.76
N TYR F 66 13.82 14.30 -4.68
CA TYR F 66 13.60 12.86 -4.69
C TYR F 66 12.11 12.61 -4.76
N TYR F 67 11.69 11.55 -5.46
CA TYR F 67 10.28 11.32 -5.71
C TYR F 67 9.92 9.88 -6.10
N THR F 68 8.75 9.45 -5.64
CA THR F 68 8.17 8.18 -6.02
C THR F 68 6.65 8.26 -5.98
N GLU F 69 6.00 7.35 -6.70
CA GLU F 69 4.54 7.24 -6.69
C GLU F 69 4.12 6.73 -5.32
N PHE F 70 3.08 7.33 -4.77
CA PHE F 70 2.51 6.87 -3.50
C PHE F 70 1.01 7.11 -3.44
N THR F 71 0.36 6.38 -2.55
CA THR F 71 -1.06 6.55 -2.32
C THR F 71 -1.26 6.90 -0.86
N PRO F 72 -1.69 8.14 -0.56
CA PRO F 72 -2.03 8.45 0.84
C PRO F 72 -3.17 7.57 1.33
N THR F 73 -3.10 7.08 2.56
CA THR F 73 -4.13 6.19 3.10
C THR F 73 -4.44 6.50 4.56
N GLU F 74 -5.46 5.82 5.08
CA GLU F 74 -5.78 5.85 6.51
C GLU F 74 -4.53 5.63 7.39
N LYS F 75 -3.87 4.48 7.18
CA LYS F 75 -2.90 3.93 8.14
C LYS F 75 -1.40 4.10 7.79
N ASP F 76 -1.05 4.27 6.53
CA ASP F 76 0.36 4.33 6.13
C ASP F 76 1.00 5.66 6.47
N GLU F 77 2.20 5.60 7.05
CA GLU F 77 2.97 6.76 7.45
C GLU F 77 4.14 6.98 6.47
N TYR F 78 4.16 8.14 5.82
CA TYR F 78 5.23 8.46 4.85
C TYR F 78 6.18 9.51 5.39
N ALA F 79 7.45 9.37 5.02
CA ALA F 79 8.50 10.27 5.50
C ALA F 79 9.68 10.32 4.54
N CYS F 80 10.56 11.29 4.79
CA CYS F 80 11.81 11.44 4.09
C CYS F 80 12.93 11.36 5.11
N ARG F 81 13.95 10.58 4.78
CA ARG F 81 15.09 10.40 5.65
C ARG F 81 16.30 10.96 4.92
N VAL F 82 16.93 11.97 5.52
CA VAL F 82 18.05 12.68 4.91
C VAL F 82 19.29 12.47 5.78
N ASN F 83 20.41 12.15 5.13
CA ASN F 83 21.71 12.10 5.79
C ASN F 83 22.74 12.95 5.03
N HIS F 84 23.54 13.66 5.82
CA HIS F 84 24.46 14.67 5.29
C HIS F 84 25.57 14.90 6.35
N VAL F 85 26.77 15.26 5.91
CA VAL F 85 27.89 15.52 6.85
C VAL F 85 27.61 16.58 7.95
N THR F 86 26.63 17.46 7.74
CA THR F 86 26.20 18.41 8.77
C THR F 86 25.26 17.82 9.82
N LEU F 87 24.79 16.59 9.59
CA LEU F 87 23.88 15.91 10.50
C LEU F 87 24.60 14.81 11.29
N SER F 88 24.24 14.66 12.56
CA SER F 88 24.80 13.63 13.44
C SER F 88 24.46 12.24 12.93
N GLN F 89 23.17 12.06 12.65
CA GLN F 89 22.60 10.82 12.14
C GLN F 89 21.41 11.20 11.26
N PRO F 90 20.92 10.28 10.41
CA PRO F 90 19.87 10.68 9.48
C PRO F 90 18.67 11.33 10.16
N LYS F 91 18.22 12.47 9.63
CA LYS F 91 17.04 13.15 10.14
C LYS F 91 15.80 12.65 9.37
N ILE F 92 14.70 12.43 10.09
CA ILE F 92 13.47 11.89 9.52
C ILE F 92 12.40 12.97 9.60
N VAL F 93 11.81 13.32 8.46
CA VAL F 93 10.78 14.36 8.38
C VAL F 93 9.52 13.72 7.80
N LYS F 94 8.45 13.68 8.59
CA LYS F 94 7.20 13.03 8.21
C LYS F 94 6.43 13.85 7.20
N TRP F 95 5.69 13.17 6.32
CA TRP F 95 4.82 13.84 5.39
C TRP F 95 3.55 14.31 6.10
N ASP F 96 3.24 15.59 5.93
CA ASP F 96 2.05 16.23 6.47
C ASP F 96 1.23 16.72 5.29
N ARG F 97 0.00 16.21 5.16
CA ARG F 97 -0.97 16.66 4.14
C ARG F 97 -1.03 18.18 3.97
N ASP F 98 -0.80 18.91 5.06
CA ASP F 98 -0.83 20.38 5.09
C ASP F 98 0.54 21.09 5.02
N MET F 99 1.64 20.39 5.30
CA MET F 99 2.95 20.95 5.82
C MET F 99 2.93 21.71 7.17
N ARG G 1 23.33 24.42 -26.23
CA ARG G 1 24.72 24.19 -26.71
C ARG G 1 25.73 24.71 -25.67
N THR G 2 26.53 23.81 -25.08
CA THR G 2 27.66 24.19 -24.22
C THR G 2 28.74 24.92 -25.03
N PHE G 3 29.62 25.65 -24.35
CA PHE G 3 30.77 26.30 -24.99
C PHE G 3 31.92 25.32 -25.22
N SER G 4 32.70 25.54 -26.29
CA SER G 4 33.78 24.62 -26.69
C SER G 4 35.10 24.68 -25.88
N PRO G 5 35.82 25.83 -25.88
CA PRO G 5 37.14 25.95 -25.21
C PRO G 5 37.27 25.40 -23.79
N THR G 6 38.34 24.63 -23.59
CA THR G 6 38.85 24.28 -22.26
C THR G 6 40.19 25.00 -22.05
N TYR G 7 40.52 25.31 -20.79
CA TYR G 7 41.78 26.01 -20.44
C TYR G 7 42.44 25.55 -19.13
N GLY G 8 41.78 25.75 -17.99
CA GLY G 8 42.35 25.37 -16.68
C GLY G 8 42.53 26.51 -15.70
N LEU G 9 42.26 26.24 -14.42
CA LEU G 9 42.39 27.22 -13.34
C LEU G 9 43.85 27.43 -12.97
N PRO H 3 -2.29 27.51 36.81
CA PRO H 3 -1.63 26.20 36.65
C PRO H 3 -0.15 26.29 36.26
N THR H 4 0.61 25.23 36.55
CA THR H 4 2.03 25.12 36.18
C THR H 4 2.28 23.83 35.41
N LEU H 5 2.99 23.94 34.28
CA LEU H 5 3.50 22.75 33.57
C LEU H 5 5.01 22.80 33.52
N TRP H 6 5.61 21.64 33.82
CA TRP H 6 7.05 21.44 33.71
C TRP H 6 7.29 20.18 32.91
N ALA H 7 8.57 19.78 32.83
CA ALA H 7 8.96 18.55 32.17
C ALA H 7 9.92 17.79 33.04
N GLU H 8 9.92 16.47 32.91
CA GLU H 8 10.90 15.62 33.60
C GLU H 8 11.50 14.65 32.59
N PRO H 9 12.83 14.51 32.53
CA PRO H 9 13.79 15.14 33.47
C PRO H 9 14.05 16.64 33.26
N GLY H 10 13.56 17.21 32.16
CA GLY H 10 13.78 18.63 31.88
C GLY H 10 13.17 19.06 30.56
N SER H 11 13.37 20.32 30.19
CA SER H 11 12.80 20.88 28.97
C SER H 11 13.76 20.89 27.78
N VAL H 12 14.99 20.39 28.00
CA VAL H 12 16.01 20.29 26.95
C VAL H 12 16.44 18.83 26.88
N ILE H 13 16.02 18.14 25.82
CA ILE H 13 16.13 16.69 25.74
C ILE H 13 16.86 16.28 24.45
N THR H 14 17.75 15.30 24.57
CA THR H 14 18.48 14.76 23.42
C THR H 14 17.50 13.95 22.59
N GLN H 15 17.55 14.09 21.25
CA GLN H 15 16.56 13.41 20.40
C GLN H 15 16.59 11.88 20.56
N GLY H 16 15.39 11.29 20.52
CA GLY H 16 15.18 9.86 20.77
C GLY H 16 15.05 9.46 22.23
N SER H 17 15.13 10.42 23.15
CA SER H 17 15.03 10.15 24.58
C SER H 17 13.60 10.42 25.10
N PRO H 18 13.25 9.79 26.24
CA PRO H 18 11.93 10.01 26.84
C PRO H 18 11.87 11.31 27.65
N VAL H 19 10.73 12.00 27.55
CA VAL H 19 10.43 13.15 28.39
C VAL H 19 8.93 13.17 28.71
N THR H 20 8.59 13.54 29.94
CA THR H 20 7.20 13.56 30.42
C THR H 20 6.80 14.99 30.78
N LEU H 21 5.83 15.53 30.05
CA LEU H 21 5.25 16.83 30.37
C LEU H 21 4.20 16.66 31.48
N ARG H 22 4.46 17.24 32.65
CA ARG H 22 3.55 17.19 33.81
C ARG H 22 2.71 18.46 33.91
N CYS H 23 1.57 18.38 34.61
CA CYS H 23 0.72 19.54 34.88
C CYS H 23 -0.06 19.42 36.20
N GLN H 24 -0.14 20.51 36.95
CA GLN H 24 -0.96 20.57 38.18
C GLN H 24 -1.29 22.02 38.57
N GLU H 31 -8.77 16.84 35.38
CA GLU H 31 -9.16 17.08 33.99
C GLU H 31 -8.25 18.13 33.33
N TYR H 32 -6.98 17.75 33.12
CA TYR H 32 -5.95 18.64 32.56
C TYR H 32 -5.93 18.58 31.03
N ARG H 33 -5.62 19.71 30.40
CA ARG H 33 -5.57 19.85 28.93
C ARG H 33 -4.37 20.70 28.49
N LEU H 34 -3.34 20.07 27.90
CA LEU H 34 -2.20 20.83 27.32
C LEU H 34 -2.22 20.87 25.80
N TYR H 35 -1.62 21.93 25.24
CA TYR H 35 -1.57 22.17 23.80
C TYR H 35 -0.24 22.86 23.45
N ARG H 36 0.03 23.01 22.15
CA ARG H 36 1.21 23.73 21.67
C ARG H 36 0.80 24.96 20.89
N GLU H 37 1.54 26.06 21.09
CA GLU H 37 1.30 27.32 20.37
C GLU H 37 1.77 27.19 18.94
N LYS H 38 1.32 28.11 18.08
CA LYS H 38 1.77 28.21 16.66
C LYS H 38 1.49 27.01 15.71
N LYS H 39 1.63 25.77 16.17
CA LYS H 39 1.29 24.57 15.39
C LYS H 39 0.76 23.48 16.32
N THR H 40 -0.19 22.68 15.83
CA THR H 40 -0.85 21.64 16.66
C THR H 40 0.09 20.45 16.88
N ALA H 41 -0.09 19.75 18.00
CA ALA H 41 0.76 18.64 18.42
C ALA H 41 -0.06 17.37 18.67
N PRO H 42 -0.33 16.58 17.61
CA PRO H 42 -1.22 15.43 17.71
C PRO H 42 -0.86 14.36 18.77
N TRP H 43 0.41 14.24 19.15
CA TRP H 43 0.84 13.25 20.17
C TRP H 43 0.09 13.34 21.52
N ILE H 44 -0.40 14.54 21.85
CA ILE H 44 -1.14 14.83 23.09
C ILE H 44 -2.46 14.07 23.08
N THR H 45 -3.16 14.11 21.94
CA THR H 45 -4.46 13.43 21.76
C THR H 45 -4.39 11.94 22.16
N ARG H 46 -3.29 11.27 21.81
CA ARG H 46 -3.14 9.82 22.04
C ARG H 46 -2.85 9.38 23.47
N ILE H 47 -2.46 10.31 24.36
CA ILE H 47 -2.11 9.94 25.73
C ILE H 47 -3.34 9.33 26.44
N PRO H 48 -3.17 8.14 27.07
CA PRO H 48 -4.28 7.52 27.80
C PRO H 48 -4.91 8.44 28.86
N GLN H 49 -6.22 8.31 29.03
CA GLN H 49 -6.98 9.25 29.86
C GLN H 49 -6.76 9.07 31.36
N GLU H 50 -6.26 7.89 31.78
CA GLU H 50 -5.77 7.68 33.14
C GLU H 50 -4.59 8.61 33.48
N LEU H 51 -3.67 8.75 32.52
CA LEU H 51 -2.51 9.64 32.64
C LEU H 51 -2.86 11.13 32.46
N VAL H 52 -3.86 11.45 31.63
CA VAL H 52 -4.35 12.84 31.49
C VAL H 52 -4.98 13.36 32.82
N LYS H 53 -5.68 12.47 33.54
CA LYS H 53 -6.22 12.78 34.89
C LYS H 53 -5.14 12.90 35.97
N LYS H 54 -4.00 12.24 35.77
CA LYS H 54 -2.79 12.41 36.62
C LYS H 54 -1.99 13.68 36.29
N GLY H 55 -2.37 14.42 35.24
CA GLY H 55 -1.55 15.50 34.71
C GLY H 55 -0.23 15.00 34.14
N GLN H 56 -0.27 13.83 33.49
CA GLN H 56 0.92 13.15 32.96
C GLN H 56 0.79 12.96 31.44
N PHE H 57 1.77 13.52 30.70
CA PHE H 57 1.84 13.42 29.24
C PHE H 57 3.27 13.01 28.84
N PRO H 58 3.53 11.68 28.82
CA PRO H 58 4.86 11.20 28.44
C PRO H 58 5.10 11.18 26.92
N ILE H 59 6.36 11.34 26.54
CA ILE H 59 6.82 11.06 25.17
C ILE H 59 7.89 9.98 25.34
N PRO H 60 7.68 8.76 24.78
CA PRO H 60 8.69 7.71 24.96
C PRO H 60 10.00 7.95 24.18
N SER H 61 9.92 8.59 23.02
CA SER H 61 11.08 8.90 22.19
C SER H 61 10.86 10.24 21.47
N ILE H 62 11.51 11.30 21.94
CA ILE H 62 11.28 12.63 21.38
C ILE H 62 11.96 12.81 20.02
N THR H 63 11.29 13.56 19.15
CA THR H 63 11.81 13.92 17.84
C THR H 63 11.64 15.41 17.72
N TRP H 64 12.19 15.96 16.65
CA TRP H 64 12.10 17.40 16.38
C TRP H 64 10.65 17.90 16.23
N GLU H 65 9.73 17.03 15.81
CA GLU H 65 8.30 17.37 15.68
C GLU H 65 7.61 17.70 17.01
N HIS H 66 8.14 17.18 18.11
CA HIS H 66 7.63 17.51 19.44
C HIS H 66 8.14 18.86 19.99
N ALA H 67 9.16 19.44 19.37
CA ALA H 67 9.77 20.67 19.90
C ALA H 67 8.84 21.84 19.76
N GLY H 68 8.88 22.75 20.73
CA GLY H 68 8.08 23.98 20.67
C GLY H 68 7.63 24.51 22.01
N ARG H 69 6.69 25.44 21.95
CA ARG H 69 6.23 26.22 23.09
C ARG H 69 4.86 25.72 23.57
N TYR H 70 4.83 25.03 24.71
CA TYR H 70 3.62 24.41 25.26
C TYR H 70 3.02 25.18 26.44
N ARG H 71 1.68 25.16 26.55
CA ARG H 71 0.93 25.73 27.67
C ARG H 71 -0.14 24.75 28.17
N CYS H 72 -0.41 24.78 29.48
CA CYS H 72 -1.39 23.90 30.14
C CYS H 72 -2.55 24.69 30.76
N TYR H 73 -3.73 24.08 30.79
CA TYR H 73 -4.89 24.62 31.51
C TYR H 73 -5.87 23.51 31.92
N SER H 82 -9.80 27.44 33.55
CA SER H 82 -8.73 28.31 34.05
C SER H 82 -7.88 28.94 32.94
N GLU H 83 -7.16 29.99 33.29
CA GLU H 83 -6.24 30.66 32.37
C GLU H 83 -5.03 29.77 32.03
N SER H 84 -4.35 30.10 30.94
CA SER H 84 -3.21 29.31 30.46
C SER H 84 -2.00 29.47 31.37
N SER H 85 -1.25 28.38 31.52
CA SER H 85 -0.03 28.37 32.33
C SER H 85 1.10 29.11 31.65
N ASP H 86 2.22 29.27 32.36
CA ASP H 86 3.42 29.88 31.79
C ASP H 86 3.98 29.01 30.66
N PRO H 87 4.63 29.63 29.64
CA PRO H 87 5.16 28.85 28.53
C PRO H 87 6.21 27.81 28.97
N LEU H 88 6.13 26.61 28.42
CA LEU H 88 7.19 25.60 28.54
C LEU H 88 7.82 25.47 27.17
N GLU H 89 9.13 25.74 27.10
CA GLU H 89 9.88 25.69 25.85
C GLU H 89 10.56 24.33 25.75
N LEU H 90 9.94 23.40 25.02
CA LEU H 90 10.49 22.06 24.87
C LEU H 90 11.44 22.07 23.68
N VAL H 91 12.72 21.82 23.97
CA VAL H 91 13.80 21.95 23.01
C VAL H 91 14.36 20.56 22.74
N VAL H 92 14.68 20.29 21.47
CA VAL H 92 15.28 19.03 21.08
C VAL H 92 16.70 19.25 20.55
N THR H 93 17.65 18.53 21.13
CA THR H 93 19.06 18.66 20.80
C THR H 93 19.54 17.38 20.12
N GLY H 94 20.61 17.50 19.36
CA GLY H 94 21.27 16.38 18.70
C GLY H 94 21.13 16.32 17.19
N ALA H 95 20.42 17.26 16.59
CA ALA H 95 20.13 17.19 15.16
C ALA H 95 21.42 17.28 14.33
N TYR H 96 22.18 18.34 14.59
CA TYR H 96 23.32 18.69 13.78
C TYR H 96 24.59 18.28 14.48
N ILE H 97 25.66 18.19 13.71
CA ILE H 97 26.98 17.96 14.27
C ILE H 97 27.36 19.07 15.25
N LYS H 98 28.19 18.71 16.22
CA LYS H 98 28.52 19.61 17.32
C LYS H 98 29.39 20.79 16.88
N PRO H 99 29.19 21.96 17.52
CA PRO H 99 30.16 23.05 17.44
C PRO H 99 31.36 22.75 18.37
N THR H 100 32.29 23.69 18.45
CA THR H 100 33.42 23.59 19.37
C THR H 100 33.43 24.84 20.25
N LEU H 101 33.73 24.63 21.54
CA LEU H 101 33.74 25.69 22.52
C LEU H 101 35.17 25.93 22.98
N SER H 102 35.60 27.19 22.99
CA SER H 102 36.95 27.58 23.41
C SER H 102 36.91 28.84 24.27
N ALA H 103 37.91 28.98 25.14
CA ALA H 103 38.06 30.15 26.01
C ALA H 103 39.16 31.00 25.42
N GLN H 104 38.98 32.32 25.44
CA GLN H 104 39.91 33.25 24.77
C GLN H 104 40.37 34.33 25.75
N PRO H 105 41.68 34.49 25.96
CA PRO H 105 42.76 33.72 25.30
C PRO H 105 43.02 32.33 25.89
N SER H 106 42.48 32.03 27.07
CA SER H 106 42.86 30.81 27.81
C SER H 106 41.72 30.31 28.69
N PRO H 107 41.65 28.99 28.89
CA PRO H 107 40.71 28.45 29.88
C PRO H 107 41.22 28.58 31.32
N VAL H 108 42.46 29.04 31.49
CA VAL H 108 43.06 29.26 32.80
C VAL H 108 42.85 30.72 33.17
N VAL H 109 42.16 30.95 34.30
CA VAL H 109 41.75 32.29 34.69
C VAL H 109 42.06 32.55 36.17
N ASN H 110 42.41 33.80 36.50
CA ASN H 110 42.66 34.20 37.89
C ASN H 110 41.34 34.39 38.63
N SER H 111 41.32 34.03 39.91
CA SER H 111 40.15 34.23 40.78
C SER H 111 39.70 35.68 40.70
N GLY H 112 38.40 35.88 40.59
CA GLY H 112 37.81 37.20 40.30
C GLY H 112 37.88 37.64 38.86
N GLY H 113 38.57 36.88 38.01
CA GLY H 113 38.79 37.25 36.62
C GLY H 113 37.57 36.91 35.77
N ASN H 114 37.55 37.51 34.59
CA ASN H 114 36.54 37.22 33.57
C ASN H 114 37.23 36.62 32.34
N VAL H 115 36.44 35.93 31.52
CA VAL H 115 36.95 35.26 30.32
C VAL H 115 35.91 35.27 29.21
N THR H 116 36.41 35.33 27.97
CA THR H 116 35.57 35.27 26.79
C THR H 116 35.49 33.82 26.30
N LEU H 117 34.27 33.32 26.11
CA LEU H 117 34.03 31.99 25.55
C LEU H 117 33.48 32.13 24.13
N GLN H 118 34.00 31.30 23.22
CA GLN H 118 33.69 31.35 21.80
C GLN H 118 33.11 30.03 21.30
N CYS H 119 31.94 30.09 20.65
CA CYS H 119 31.28 28.92 20.07
C CYS H 119 31.37 29.03 18.56
N ASP H 120 32.04 28.05 17.94
CA ASP H 120 32.23 28.02 16.49
C ASP H 120 31.54 26.80 15.94
N SER H 121 30.70 27.01 14.92
CA SER H 121 30.00 25.96 14.19
C SER H 121 30.60 25.94 12.80
N GLN H 122 31.02 24.77 12.35
CA GLN H 122 31.49 24.60 10.97
C GLN H 122 30.29 24.59 9.98
N VAL H 123 29.08 24.47 10.53
CA VAL H 123 27.83 24.52 9.78
C VAL H 123 27.24 25.93 9.92
N ALA H 124 26.83 26.51 8.80
CA ALA H 124 26.26 27.87 8.82
C ALA H 124 24.98 27.89 9.67
N PHE H 125 25.05 28.62 10.78
CA PHE H 125 23.95 28.82 11.72
C PHE H 125 24.06 30.24 12.24
N ASP H 126 22.93 30.79 12.64
CA ASP H 126 22.87 32.15 13.18
C ASP H 126 22.47 32.22 14.66
N GLY H 127 22.29 31.05 15.28
CA GLY H 127 21.85 30.94 16.66
C GLY H 127 22.89 30.19 17.47
N PHE H 128 23.14 30.68 18.68
CA PHE H 128 24.14 30.08 19.56
C PHE H 128 23.72 30.16 21.01
N ILE H 129 23.96 29.07 21.74
CA ILE H 129 23.53 28.94 23.12
C ILE H 129 24.72 28.50 23.93
N LEU H 130 24.94 29.13 25.09
CA LEU H 130 25.93 28.67 26.06
C LEU H 130 25.19 28.18 27.30
N CYS H 131 25.42 26.93 27.68
CA CYS H 131 24.79 26.35 28.86
C CYS H 131 25.82 26.04 29.94
N LYS H 132 25.57 26.58 31.13
CA LYS H 132 26.39 26.31 32.30
C LYS H 132 25.92 24.96 32.89
N GLU H 133 26.84 24.17 33.43
CA GLU H 133 26.46 22.91 34.08
C GLU H 133 27.34 22.52 35.26
N GLY H 134 26.80 21.66 36.14
CA GLY H 134 27.47 21.22 37.36
C GLY H 134 27.24 22.04 38.62
N GLU H 135 26.40 23.09 38.55
CA GLU H 135 26.08 23.94 39.71
C GLU H 135 24.59 23.91 40.07
N PRO H 139 20.22 23.20 34.20
CA PRO H 139 21.27 23.95 33.51
C PRO H 139 20.79 25.32 32.99
N GLN H 140 21.49 26.38 33.39
CA GLN H 140 21.19 27.74 32.95
C GLN H 140 21.87 28.01 31.61
N CYS H 141 21.09 28.46 30.63
CA CYS H 141 21.55 28.70 29.26
C CYS H 141 21.29 30.13 28.80
N LEU H 142 22.34 30.80 28.31
CA LEU H 142 22.25 32.15 27.75
C LEU H 142 22.39 32.08 26.24
N ASN H 143 21.69 32.98 25.54
CA ASN H 143 21.72 33.08 24.09
C ASN H 143 22.76 34.11 23.69
N SER H 144 23.30 34.00 22.48
CA SER H 144 24.17 35.05 21.93
C SER H 144 24.16 35.04 20.40
N GLN H 145 23.92 36.21 19.81
CA GLN H 145 23.87 36.36 18.36
C GLN H 145 25.30 36.52 17.81
N PRO H 146 25.56 36.02 16.58
CA PRO H 146 26.92 36.18 16.03
C PRO H 146 27.26 37.66 15.73
N HIS H 147 28.52 38.01 15.96
CA HIS H 147 28.95 39.41 15.98
C HIS H 147 29.50 39.90 14.63
N ALA H 148 29.68 38.99 13.67
CA ALA H 148 30.10 39.34 12.32
C ALA H 148 29.21 38.66 11.26
N ARG H 149 28.97 39.36 10.15
CA ARG H 149 28.21 38.82 9.01
C ARG H 149 28.99 37.70 8.32
N GLY H 150 28.30 36.63 7.94
CA GLY H 150 28.91 35.46 7.30
C GLY H 150 29.70 34.53 8.21
N SER H 151 29.64 34.73 9.53
CA SER H 151 30.61 34.09 10.43
C SER H 151 30.24 32.70 10.95
N SER H 152 29.15 32.60 11.69
CA SER H 152 28.78 31.37 12.43
C SER H 152 29.68 31.11 13.64
N ARG H 153 29.91 32.18 14.40
CA ARG H 153 30.43 32.07 15.75
C ARG H 153 29.83 33.15 16.61
N ALA H 154 29.69 32.85 17.89
CA ALA H 154 29.20 33.80 18.87
C ALA H 154 30.15 33.83 20.05
N ILE H 155 30.08 34.93 20.81
CA ILE H 155 31.00 35.22 21.90
C ILE H 155 30.17 35.44 23.19
N PHE H 156 30.66 34.89 24.31
CA PHE H 156 30.04 35.07 25.63
C PHE H 156 31.10 35.58 26.62
N SER H 157 30.68 36.39 27.58
CA SER H 157 31.52 36.80 28.71
C SER H 157 30.90 36.18 29.96
N VAL H 158 31.71 35.52 30.80
CA VAL H 158 31.13 34.70 31.91
C VAL H 158 31.45 35.05 33.36
N GLY H 159 32.58 35.70 33.65
CA GLY H 159 32.96 35.98 35.06
C GLY H 159 32.04 36.90 35.89
N PRO H 160 32.47 37.35 37.08
CA PRO H 160 33.77 37.02 37.68
C PRO H 160 33.80 35.60 38.22
N VAL H 161 34.93 34.91 38.06
CA VAL H 161 35.03 33.50 38.47
C VAL H 161 35.67 33.33 39.85
N SER H 162 35.38 32.20 40.48
CA SER H 162 35.92 31.85 41.78
C SER H 162 36.39 30.40 41.77
N PRO H 163 37.45 30.08 42.54
CA PRO H 163 37.96 28.72 42.61
C PRO H 163 37.10 27.76 43.46
N SER H 164 36.30 28.32 44.37
CA SER H 164 35.39 27.52 45.21
C SER H 164 34.27 26.79 44.43
N ARG H 165 33.99 27.27 43.22
CA ARG H 165 32.93 26.72 42.36
C ARG H 165 33.51 26.18 41.05
N ARG H 166 32.75 25.29 40.41
CA ARG H 166 33.13 24.74 39.13
C ARG H 166 32.42 25.53 38.03
N TRP H 167 33.16 25.82 36.95
CA TRP H 167 32.69 26.66 35.86
C TRP H 167 32.82 25.87 34.56
N TRP H 168 31.77 25.10 34.29
CA TRP H 168 31.73 24.14 33.19
C TRP H 168 30.63 24.52 32.21
N TYR H 169 30.96 24.46 30.91
CA TYR H 169 30.10 24.93 29.84
C TYR H 169 30.11 24.00 28.63
N ARG H 170 28.96 23.97 27.96
CA ARG H 170 28.84 23.47 26.61
C ARG H 170 28.08 24.50 25.82
N CYS H 171 28.30 24.53 24.51
CA CYS H 171 27.53 25.40 23.64
C CYS H 171 26.76 24.60 22.57
N TYR H 172 25.73 25.22 22.01
CA TYR H 172 24.90 24.65 20.96
C TYR H 172 24.78 25.66 19.81
N ALA H 173 24.65 25.18 18.59
CA ALA H 173 24.29 26.02 17.44
C ALA H 173 22.86 25.68 16.96
N TYR H 174 22.19 26.66 16.36
CA TYR H 174 20.82 26.46 15.85
C TYR H 174 20.49 27.51 14.78
N ASP H 175 19.43 27.21 14.01
CA ASP H 175 18.85 28.09 13.00
C ASP H 175 17.75 28.90 13.67
N SER H 176 17.76 30.23 13.51
CA SER H 176 16.77 31.10 14.17
C SER H 176 15.34 30.92 13.65
N ASN H 177 15.16 30.34 12.46
CA ASN H 177 13.84 29.91 11.97
C ASN H 177 13.29 28.67 12.69
N SER H 178 14.13 27.93 13.43
CA SER H 178 13.70 26.77 14.21
C SER H 178 14.41 26.75 15.55
N PRO H 179 14.06 27.69 16.46
CA PRO H 179 14.84 27.89 17.67
C PRO H 179 14.69 26.81 18.75
N TYR H 180 13.88 25.78 18.52
CA TYR H 180 13.74 24.65 19.46
C TYR H 180 14.42 23.34 18.99
N GLU H 181 15.13 23.41 17.87
CA GLU H 181 15.96 22.30 17.38
C GLU H 181 17.42 22.73 17.46
N TRP H 182 18.17 22.20 18.42
CA TRP H 182 19.59 22.57 18.58
C TRP H 182 20.53 21.46 18.09
N SER H 183 21.76 21.86 17.82
CA SER H 183 22.83 20.94 17.49
C SER H 183 23.10 19.94 18.63
N LEU H 184 23.94 18.95 18.35
CA LEU H 184 24.66 18.28 19.43
C LEU H 184 25.37 19.39 20.24
N PRO H 185 25.52 19.21 21.56
CA PRO H 185 26.33 20.16 22.33
C PRO H 185 27.81 20.02 22.01
N SER H 186 28.56 21.08 22.24
CA SER H 186 30.01 20.98 22.20
C SER H 186 30.47 20.03 23.30
N ASP H 187 31.72 19.57 23.19
CA ASP H 187 32.41 18.97 24.34
C ASP H 187 32.35 19.94 25.52
N LEU H 188 32.54 19.39 26.71
CA LEU H 188 32.57 20.20 27.92
C LEU H 188 33.86 21.00 27.96
N LEU H 189 33.74 22.29 28.28
CA LEU H 189 34.86 23.17 28.51
C LEU H 189 34.85 23.51 29.98
N GLU H 190 35.98 23.28 30.65
CA GLU H 190 36.14 23.58 32.07
C GLU H 190 37.11 24.73 32.21
N LEU H 191 36.73 25.73 33.00
CA LEU H 191 37.63 26.82 33.33
C LEU H 191 38.48 26.39 34.51
N LEU H 192 39.78 26.61 34.42
CA LEU H 192 40.67 26.35 35.55
C LEU H 192 40.91 27.69 36.23
N VAL H 193 40.38 27.86 37.44
CA VAL H 193 40.46 29.13 38.16
C VAL H 193 41.59 29.06 39.19
N LEU H 194 42.56 29.98 39.10
CA LEU H 194 43.76 29.96 39.95
C LEU H 194 43.59 30.70 41.28
N GLY H 195 44.39 30.30 42.27
CA GLY H 195 44.50 31.03 43.53
C GLY H 195 43.44 30.64 44.53
#